data_4G71
#
_entry.id   4G71
#
_cell.length_a   144.440
_cell.length_b   98.360
_cell.length_c   94.840
_cell.angle_alpha   90.00
_cell.angle_beta   127.81
_cell.angle_gamma   90.00
#
_symmetry.space_group_name_H-M   'C 1 2 1'
#
loop_
_entity.id
_entity.type
_entity.pdbx_description
1 polymer 'Cytochrome c oxidase subunit 1'
2 polymer 'Cytochrome c oxidase subunit 2'
3 polymer 'Cytochrome c oxidase polypeptide 2A'
4 non-polymer 'CU(I)-S-MO(IV)(=O)O-NBIC CLUSTER'
5 non-polymer 'PROTOPORPHYRIN IX CONTAINING FE'
6 non-polymer HEME-AS
7 non-polymer 'PEROXIDE ION'
8 non-polymer '(2R)-2,3-dihydroxypropyl (9Z)-octadec-9-enoate'
9 non-polymer 'DINUCLEAR COPPER ION'
10 water water
#
loop_
_entity_poly.entity_id
_entity_poly.type
_entity_poly.pdbx_seq_one_letter_code
_entity_poly.pdbx_strand_id
1 'polypeptide(L)'
;MHHHHHHHAVRASEISRVYEAYPEKKATLYFLVLGFLALIVGSLFGPFQALNYGNVDAYPLLKRLLPFVQSYYQGLTLHG
VLNAIVFTQLFAQAIMVYLPARELNMRPNMGLMWLSWWMAFIGLVVFALPLLANEATVLYTFYPPLKGHWAFYLGASVFV
LSTWVSIYIVLDLWRRWKAANPGKVTPLVTYMAVVFWLMWFLASLGLVLEAVLFLLPWSFGLVEGVDPLVARTLFWWTGH
PINYFWLLPAYAIIYTILPKQAGGKLVSDPMARLAFLLFLLLSTPVGFHHQFADPGIDPTWKMIHSVLTLFVAVPSLMTA
FTVAASLEFAGRLRGGRGLFGWIRALPWDNPAFVAPVLGLLGFIPGGAGGIVNASFTLDYVVHNTAWVPGHFHLQVASLV
TLTAMGSLYWLLPNLTGKPISDAQRRLGLAVVWLWFLGMMIMAVGLHWAGLLNVPRRAYIAQVPDAYPHAAVPMVFNVLA
GIVLLVALLLFIYGLFSVLLSRERKPELAEAPLPFAEVISGPEDRRLVLAMDRIGFWFAVAAILVVLAYGPTLVQLFGHL
NPVPGWRLW
;
A
2 'polypeptide(L)'
;MVDEHKAHKAILAYEKGWLAFSLAMLFVFIALIAYTLATHTAGVIPAGKLERVDPTTVRQEGPWADPAQAVVQTGPNQYT
VYVLAFAFGYQPNPIEVPQGAEIVFKITSPDVIHGFHVEGTNINVEVLPGEVSTVRYTFKRPGEYRIICNQYCGLGHQNM
FGTIVVKE
;
B
3 'polypeptide(L)' MEEKPKGALAVILVLTLTILVFWLGVYAVFFARG C
#
loop_
_chem_comp.id
_chem_comp.type
_chem_comp.name
_chem_comp.formula
CUA non-polymer 'DINUCLEAR COPPER ION' Cu2
CUB non-polymer 'CU(I)-S-MO(IV)(=O)O-NBIC CLUSTER' 'C5 H9 Cu Mo N O2 S 5'
HAS non-polymer HEME-AS 'C54 H64 Fe N4 O6'
HEM non-polymer 'PROTOPORPHYRIN IX CONTAINING FE' 'C34 H32 Fe N4 O4'
OLC non-polymer '(2R)-2,3-dihydroxypropyl (9Z)-octadec-9-enoate' 'C21 H40 O4'
PER non-polymer 'PEROXIDE ION' 'O2 -2'
#
# COMPACT_ATOMS: atom_id res chain seq x y z
N SER A 16 38.02 -2.96 3.19
CA SER A 16 38.87 -4.17 3.37
C SER A 16 39.14 -4.79 2.01
N ARG A 17 39.87 -5.91 2.01
CA ARG A 17 40.07 -6.71 0.79
C ARG A 17 38.71 -7.22 0.27
N VAL A 18 37.73 -7.40 1.18
CA VAL A 18 36.37 -7.91 0.81
C VAL A 18 35.59 -6.99 -0.14
N TYR A 19 35.68 -5.69 0.13
CA TYR A 19 35.05 -4.65 -0.68
C TYR A 19 35.72 -4.45 -2.05
N GLU A 20 36.99 -4.87 -2.18
CA GLU A 20 37.64 -4.82 -3.50
C GLU A 20 37.15 -5.90 -4.47
N ALA A 21 36.79 -7.08 -3.97
CA ALA A 21 36.14 -8.10 -4.82
C ALA A 21 34.63 -7.91 -4.92
N TYR A 22 34.03 -7.43 -3.84
CA TYR A 22 32.61 -7.28 -3.79
C TYR A 22 32.28 -5.86 -3.37
N PRO A 23 32.46 -4.91 -4.27
CA PRO A 23 31.97 -3.53 -4.07
C PRO A 23 30.43 -3.40 -4.04
N GLU A 24 29.73 -4.33 -4.70
CA GLU A 24 28.28 -4.46 -4.55
C GLU A 24 27.87 -4.48 -3.06
N LYS A 25 28.67 -5.15 -2.25
CA LYS A 25 28.45 -5.12 -0.81
C LYS A 25 28.23 -3.68 -0.28
N LYS A 26 29.19 -2.79 -0.58
CA LYS A 26 29.19 -1.45 -0.02
C LYS A 26 27.95 -0.65 -0.40
N ALA A 27 27.78 -0.44 -1.70
CA ALA A 27 26.59 0.21 -2.20
C ALA A 27 25.33 -0.38 -1.52
N THR A 28 25.21 -1.71 -1.50
CA THR A 28 24.01 -2.34 -0.93
C THR A 28 23.85 -1.85 0.51
N LEU A 29 24.88 -2.08 1.32
CA LEU A 29 24.94 -1.55 2.69
C LEU A 29 24.36 -0.13 2.81
N TYR A 30 24.82 0.79 1.96
CA TYR A 30 24.35 2.19 1.96
C TYR A 30 22.86 2.29 1.71
N PHE A 31 22.37 1.49 0.76
CA PHE A 31 20.95 1.53 0.40
C PHE A 31 20.19 1.08 1.59
N LEU A 32 20.70 0.05 2.28
CA LEU A 32 20.10 -0.37 3.54
C LEU A 32 20.13 0.69 4.63
N VAL A 33 21.32 1.00 5.13
CA VAL A 33 21.45 2.01 6.18
C VAL A 33 20.57 3.25 5.96
N LEU A 34 20.77 3.97 4.86
CA LEU A 34 19.86 5.10 4.52
C LEU A 34 18.34 4.81 4.74
N GLY A 35 17.88 3.66 4.26
CA GLY A 35 16.48 3.30 4.29
C GLY A 35 16.02 3.19 5.73
N PHE A 36 16.76 2.41 6.53
CA PHE A 36 16.49 2.27 7.93
C PHE A 36 16.50 3.61 8.67
N LEU A 37 17.47 4.49 8.38
CA LEU A 37 17.49 5.85 8.96
C LEU A 37 16.16 6.55 8.64
N ALA A 38 15.85 6.63 7.35
CA ALA A 38 14.60 7.13 6.93
C ALA A 38 13.45 6.49 7.74
N LEU A 39 13.58 5.21 8.10
CA LEU A 39 12.48 4.52 8.78
C LEU A 39 12.41 4.97 10.23
N ILE A 40 13.59 5.08 10.86
CA ILE A 40 13.69 5.56 12.22
C ILE A 40 13.03 6.92 12.31
N VAL A 41 13.36 7.80 11.37
CA VAL A 41 12.83 9.17 11.40
C VAL A 41 11.34 9.19 11.06
N GLY A 42 10.95 8.35 10.08
CA GLY A 42 9.60 8.35 9.56
C GLY A 42 8.75 7.84 10.68
N SER A 43 9.26 6.83 11.36
CA SER A 43 8.53 6.16 12.42
C SER A 43 8.35 6.92 13.70
N LEU A 44 9.32 7.77 14.09
CA LEU A 44 9.12 8.70 15.24
C LEU A 44 7.66 9.22 15.36
N PHE A 45 7.07 9.54 14.21
CA PHE A 45 5.75 10.17 14.18
C PHE A 45 4.60 9.20 14.53
N GLY A 46 4.83 7.93 14.22
CA GLY A 46 3.87 6.89 14.49
C GLY A 46 3.15 6.96 15.82
N PRO A 47 3.85 6.67 16.93
CA PRO A 47 3.22 6.65 18.26
C PRO A 47 2.29 7.83 18.55
N PHE A 48 2.66 9.02 18.12
CA PHE A 48 1.82 10.21 18.32
C PHE A 48 0.55 10.16 17.49
N GLN A 49 0.65 9.58 16.31
CA GLN A 49 -0.51 9.31 15.46
C GLN A 49 -1.37 8.17 16.06
N ALA A 50 -0.74 7.20 16.71
CA ALA A 50 -1.52 6.12 17.38
C ALA A 50 -2.28 6.71 18.55
N LEU A 51 -1.63 7.56 19.34
CA LEU A 51 -2.31 8.19 20.45
C LEU A 51 -3.44 9.08 19.93
N ASN A 52 -3.15 9.79 18.83
CA ASN A 52 -4.16 10.67 18.20
C ASN A 52 -5.42 9.88 17.86
N TYR A 53 -5.24 8.74 17.23
CA TYR A 53 -6.38 7.92 16.84
C TYR A 53 -7.03 7.23 18.01
N GLY A 54 -6.40 7.31 19.18
CA GLY A 54 -7.02 6.85 20.44
C GLY A 54 -7.54 8.04 21.24
N ASN A 55 -7.70 9.17 20.54
CA ASN A 55 -8.20 10.41 21.12
C ASN A 55 -7.30 11.01 22.16
N VAL A 56 -5.98 10.92 21.98
CA VAL A 56 -5.04 11.44 22.99
C VAL A 56 -4.00 12.32 22.30
N ASP A 57 -3.87 13.58 22.73
CA ASP A 57 -3.07 14.59 21.98
C ASP A 57 -1.69 14.85 22.56
N ALA A 58 -0.69 14.13 22.09
CA ALA A 58 0.65 14.22 22.68
C ALA A 58 1.60 15.12 21.87
N TYR A 59 1.01 15.98 21.06
CA TYR A 59 1.77 16.75 20.12
C TYR A 59 2.51 17.93 20.70
N PRO A 60 2.00 18.49 21.81
CA PRO A 60 2.76 19.47 22.55
C PRO A 60 4.11 18.91 22.90
N LEU A 61 4.13 17.70 23.44
CA LEU A 61 5.38 17.06 23.78
C LEU A 61 6.28 17.03 22.53
N LEU A 62 5.75 16.48 21.43
CA LEU A 62 6.51 16.28 20.18
C LEU A 62 7.06 17.58 19.61
N LYS A 63 6.26 18.65 19.67
CA LYS A 63 6.74 19.97 19.23
C LYS A 63 7.94 20.52 20.08
N ARG A 64 7.91 20.30 21.39
CA ARG A 64 9.07 20.62 22.25
C ARG A 64 10.31 19.75 21.99
N LEU A 65 10.10 18.55 21.48
CA LEU A 65 11.21 17.70 21.08
C LEU A 65 11.60 17.87 19.59
N LEU A 66 10.69 18.37 18.77
CA LEU A 66 10.97 18.48 17.34
C LEU A 66 10.39 19.77 16.77
N PRO A 67 10.91 20.91 17.26
CA PRO A 67 10.29 22.22 17.01
C PRO A 67 10.07 22.71 15.57
N PHE A 68 10.64 22.03 14.60
CA PHE A 68 10.42 22.40 13.19
C PHE A 68 9.03 21.95 12.77
N VAL A 69 8.34 21.23 13.67
CA VAL A 69 7.08 20.53 13.37
C VAL A 69 5.91 21.38 13.76
N GLN A 70 5.11 21.80 12.80
CA GLN A 70 4.05 22.74 13.07
C GLN A 70 2.65 22.13 13.16
N SER A 71 2.47 20.96 12.58
CA SER A 71 1.15 20.36 12.60
C SER A 71 1.18 18.85 12.51
N TYR A 72 0.15 18.23 13.08
CA TYR A 72 -0.17 16.82 12.87
C TYR A 72 0.08 16.44 11.39
N TYR A 73 -0.39 17.30 10.50
CA TYR A 73 -0.29 17.03 9.06
C TYR A 73 1.10 17.07 8.45
N GLN A 74 1.98 17.94 8.97
CA GLN A 74 3.38 17.96 8.54
C GLN A 74 4.03 16.64 8.97
N GLY A 75 3.77 16.25 10.21
CA GLY A 75 4.19 14.96 10.71
C GLY A 75 3.68 13.87 9.77
N LEU A 76 2.35 13.81 9.61
CA LEU A 76 1.72 12.83 8.71
C LEU A 76 2.36 12.73 7.34
N THR A 77 2.84 13.85 6.80
CA THR A 77 3.59 13.87 5.52
C THR A 77 4.97 13.21 5.67
N LEU A 78 5.70 13.65 6.68
CA LEU A 78 7.02 13.12 6.99
C LEU A 78 6.93 11.63 7.12
N HIS A 79 5.94 11.18 7.92
CA HIS A 79 5.71 9.73 8.18
C HIS A 79 5.53 8.97 6.88
N GLY A 80 4.54 9.39 6.10
CA GLY A 80 4.21 8.71 4.86
C GLY A 80 5.37 8.65 3.88
N VAL A 81 5.87 9.82 3.49
CA VAL A 81 6.99 9.94 2.55
C VAL A 81 8.26 9.13 2.91
N LEU A 82 8.60 9.10 4.22
CA LEU A 82 9.84 8.49 4.65
C LEU A 82 9.72 6.99 4.83
N ASN A 83 8.56 6.52 5.29
CA ASN A 83 8.38 5.10 5.58
C ASN A 83 7.92 4.37 4.34
N ALA A 84 6.87 4.89 3.68
CA ALA A 84 6.25 4.14 2.62
C ALA A 84 6.90 4.40 1.30
N ILE A 85 7.49 5.57 1.12
CA ILE A 85 8.17 5.85 -0.13
C ILE A 85 9.66 5.60 -0.04
N VAL A 86 10.35 6.30 0.86
CA VAL A 86 11.81 6.32 0.86
C VAL A 86 12.37 4.95 1.29
N PHE A 87 12.09 4.58 2.54
CA PHE A 87 12.62 3.34 3.14
C PHE A 87 12.31 2.10 2.32
N THR A 88 11.03 1.84 2.10
CA THR A 88 10.64 0.74 1.23
C THR A 88 11.49 0.73 -0.07
N GLN A 89 11.65 1.90 -0.70
CA GLN A 89 12.31 1.96 -2.02
C GLN A 89 13.82 1.64 -1.97
N LEU A 90 14.49 2.22 -0.98
CA LEU A 90 15.85 1.90 -0.69
C LEU A 90 15.95 0.42 -0.34
N PHE A 91 15.03 -0.12 0.47
CA PHE A 91 15.05 -1.56 0.72
C PHE A 91 14.96 -2.37 -0.58
N ALA A 92 13.94 -2.05 -1.40
CA ALA A 92 13.78 -2.67 -2.74
C ALA A 92 15.09 -2.70 -3.48
N GLN A 93 15.69 -1.54 -3.59
CA GLN A 93 16.90 -1.40 -4.34
C GLN A 93 18.02 -2.27 -3.79
N ALA A 94 18.20 -2.29 -2.47
CA ALA A 94 19.21 -3.17 -1.87
C ALA A 94 18.90 -4.65 -2.16
N ILE A 95 17.69 -5.07 -1.85
CA ILE A 95 17.36 -6.45 -2.07
C ILE A 95 17.46 -6.88 -3.56
N MET A 96 16.70 -6.21 -4.42
CA MET A 96 16.52 -6.71 -5.79
C MET A 96 17.64 -6.34 -6.71
N VAL A 97 18.77 -5.93 -6.16
CA VAL A 97 20.00 -5.74 -6.96
C VAL A 97 21.05 -6.77 -6.50
N TYR A 98 21.53 -6.57 -5.28
CA TYR A 98 22.44 -7.50 -4.63
C TYR A 98 22.04 -8.99 -4.63
N LEU A 99 20.81 -9.32 -4.22
CA LEU A 99 20.38 -10.73 -4.23
C LEU A 99 20.55 -11.43 -5.62
N PRO A 100 19.89 -10.93 -6.68
CA PRO A 100 20.09 -11.51 -8.00
C PRO A 100 21.57 -11.63 -8.32
N ALA A 101 22.31 -10.55 -8.12
CA ALA A 101 23.70 -10.51 -8.52
C ALA A 101 24.53 -11.51 -7.75
N ARG A 102 24.18 -11.79 -6.48
CA ARG A 102 24.92 -12.75 -5.72
C ARG A 102 24.64 -14.17 -6.20
N GLU A 103 23.38 -14.47 -6.51
CA GLU A 103 22.98 -15.78 -7.04
C GLU A 103 23.68 -16.06 -8.34
N LEU A 104 23.74 -15.07 -9.21
CA LEU A 104 24.40 -15.19 -10.48
C LEU A 104 25.90 -15.17 -10.25
N ASN A 105 26.31 -14.52 -9.17
CA ASN A 105 27.72 -14.38 -8.84
C ASN A 105 28.42 -13.57 -9.92
N MET A 106 27.80 -12.48 -10.34
CA MET A 106 28.45 -11.56 -11.26
C MET A 106 28.37 -10.19 -10.65
N ARG A 107 29.22 -9.28 -11.05
CA ARG A 107 29.18 -7.95 -10.47
C ARG A 107 28.28 -6.92 -11.22
N PRO A 108 27.38 -6.26 -10.48
CA PRO A 108 26.62 -5.13 -10.99
C PRO A 108 27.57 -4.05 -11.45
N ASN A 109 27.17 -3.32 -12.48
CA ASN A 109 27.91 -2.17 -12.92
C ASN A 109 28.08 -1.19 -11.77
N MET A 110 29.27 -1.17 -11.18
CA MET A 110 29.49 -0.34 -10.00
C MET A 110 29.40 1.17 -10.27
N GLY A 111 29.40 1.53 -11.55
CA GLY A 111 29.24 2.92 -11.95
C GLY A 111 27.79 3.32 -11.75
N LEU A 112 26.89 2.50 -12.30
CA LEU A 112 25.46 2.80 -12.23
C LEU A 112 25.05 2.64 -10.79
N MET A 113 25.50 1.54 -10.18
CA MET A 113 25.08 1.21 -8.82
C MET A 113 25.34 2.38 -7.88
N TRP A 114 26.40 3.15 -8.11
CA TRP A 114 26.62 4.35 -7.28
C TRP A 114 25.82 5.56 -7.71
N LEU A 115 25.70 5.77 -9.02
CA LEU A 115 24.83 6.79 -9.57
C LEU A 115 23.45 6.69 -8.91
N SER A 116 22.86 5.47 -8.92
CA SER A 116 21.55 5.28 -8.27
C SER A 116 21.52 5.61 -6.72
N TRP A 117 22.62 5.39 -6.03
CA TRP A 117 22.65 5.74 -4.64
C TRP A 117 22.63 7.23 -4.48
N TRP A 118 23.50 7.89 -5.22
CA TRP A 118 23.57 9.36 -5.19
C TRP A 118 22.31 10.11 -5.63
N MET A 119 21.65 9.63 -6.68
CA MET A 119 20.38 10.16 -7.07
C MET A 119 19.45 10.05 -5.86
N ALA A 120 19.29 8.81 -5.36
CA ALA A 120 18.34 8.47 -4.31
C ALA A 120 18.55 9.39 -3.17
N PHE A 121 19.82 9.56 -2.78
CA PHE A 121 20.19 10.38 -1.64
C PHE A 121 20.00 11.86 -1.94
N ILE A 122 20.60 12.36 -3.03
CA ILE A 122 20.43 13.76 -3.51
C ILE A 122 18.95 14.15 -3.48
N GLY A 123 18.11 13.38 -4.17
CA GLY A 123 16.68 13.70 -4.26
C GLY A 123 16.08 13.72 -2.86
N LEU A 124 16.22 12.61 -2.14
CA LEU A 124 15.81 12.55 -0.75
C LEU A 124 16.13 13.84 -0.01
N VAL A 125 17.39 14.22 0.04
CA VAL A 125 17.75 15.47 0.71
C VAL A 125 17.05 16.74 0.15
N VAL A 126 16.94 16.88 -1.17
CA VAL A 126 16.23 18.05 -1.75
C VAL A 126 14.78 18.04 -1.25
N PHE A 127 14.12 16.90 -1.33
CA PHE A 127 12.71 16.85 -0.99
C PHE A 127 12.56 17.18 0.46
N ALA A 128 13.50 16.68 1.27
CA ALA A 128 13.50 16.89 2.72
C ALA A 128 13.52 18.37 3.14
N LEU A 129 14.15 19.23 2.34
CA LEU A 129 14.21 20.64 2.67
C LEU A 129 12.81 21.33 2.86
N PRO A 130 11.95 21.29 1.83
CA PRO A 130 10.58 21.85 1.96
C PRO A 130 9.69 21.06 2.89
N LEU A 131 9.98 19.78 3.05
CA LEU A 131 9.24 18.98 4.01
C LEU A 131 9.53 19.47 5.41
N LEU A 132 10.81 19.71 5.70
CA LEU A 132 11.21 20.00 7.07
C LEU A 132 10.84 21.44 7.38
N ALA A 133 10.73 22.24 6.33
CA ALA A 133 10.39 23.67 6.44
C ALA A 133 8.90 23.98 6.27
N ASN A 134 8.05 22.95 6.33
CA ASN A 134 6.58 23.14 6.34
C ASN A 134 6.06 23.80 5.07
N GLU A 135 6.82 23.65 4.00
CA GLU A 135 6.47 24.18 2.70
C GLU A 135 5.88 23.15 1.85
N ALA A 136 5.70 21.95 2.35
CA ALA A 136 4.98 21.00 1.55
C ALA A 136 4.20 19.99 2.36
N THR A 137 3.28 20.45 3.16
CA THR A 137 2.47 19.57 3.96
C THR A 137 1.29 19.10 3.12
N VAL A 138 1.54 18.15 2.23
CA VAL A 138 0.57 17.64 1.27
C VAL A 138 0.33 16.14 1.37
N LEU A 139 1.13 15.45 2.17
CA LEU A 139 1.03 14.00 2.31
C LEU A 139 1.62 13.28 1.09
N TYR A 140 1.90 11.97 1.25
CA TYR A 140 2.55 11.19 0.21
C TYR A 140 1.61 10.86 -0.95
N THR A 141 0.43 11.47 -0.96
CA THR A 141 -0.40 11.45 -2.17
C THR A 141 -0.31 12.78 -2.91
N PHE A 142 0.03 13.84 -2.18
CA PHE A 142 0.14 15.18 -2.75
C PHE A 142 -0.94 15.53 -3.80
N TYR A 143 -2.19 15.21 -3.49
CA TYR A 143 -3.37 15.61 -4.33
C TYR A 143 -3.49 17.12 -4.68
N PRO A 144 -3.53 17.44 -5.97
CA PRO A 144 -3.87 18.77 -6.43
C PRO A 144 -5.38 19.01 -6.28
N PRO A 145 -5.77 20.22 -5.88
CA PRO A 145 -4.97 21.39 -5.99
C PRO A 145 -4.12 21.91 -4.80
N LEU A 146 -3.91 21.10 -3.78
CA LEU A 146 -2.95 21.47 -2.71
C LEU A 146 -1.54 21.47 -3.30
N LYS A 147 -0.82 22.57 -3.11
CA LYS A 147 0.34 22.89 -3.91
C LYS A 147 1.66 22.98 -3.14
N GLY A 148 2.54 21.99 -3.36
CA GLY A 148 3.78 21.89 -2.60
C GLY A 148 4.82 22.80 -3.22
N HIS A 149 5.96 22.88 -2.56
CA HIS A 149 7.10 23.63 -3.06
C HIS A 149 7.63 22.87 -4.23
N TRP A 150 8.17 23.55 -5.24
CA TRP A 150 8.85 22.83 -6.35
C TRP A 150 9.87 21.80 -5.85
N ALA A 151 10.64 22.17 -4.83
CA ALA A 151 11.70 21.28 -4.34
C ALA A 151 11.15 19.91 -3.90
N PHE A 152 9.97 19.91 -3.26
CA PHE A 152 9.33 18.64 -2.98
C PHE A 152 9.18 17.79 -4.27
N TYR A 153 8.61 18.35 -5.34
CA TYR A 153 8.34 17.59 -6.58
C TYR A 153 9.60 17.20 -7.40
N LEU A 154 10.54 18.11 -7.54
CA LEU A 154 11.77 17.77 -8.22
C LEU A 154 12.43 16.64 -7.40
N GLY A 155 12.52 16.86 -6.07
CA GLY A 155 13.23 15.96 -5.14
C GLY A 155 12.69 14.55 -5.13
N ALA A 156 11.40 14.41 -4.87
CA ALA A 156 10.68 13.14 -5.16
C ALA A 156 10.93 12.56 -6.60
N SER A 157 10.73 13.37 -7.64
CA SER A 157 11.01 12.91 -8.98
C SER A 157 12.42 12.28 -9.10
N VAL A 158 13.44 12.97 -8.58
CA VAL A 158 14.78 12.50 -8.75
C VAL A 158 14.95 11.27 -7.88
N PHE A 159 14.34 11.27 -6.69
CA PHE A 159 14.35 10.07 -5.83
C PHE A 159 13.83 8.84 -6.59
N VAL A 160 12.60 8.91 -7.05
CA VAL A 160 11.99 7.78 -7.76
C VAL A 160 12.80 7.28 -8.98
N LEU A 161 13.20 8.23 -9.85
CA LEU A 161 13.92 7.90 -11.11
C LEU A 161 15.17 7.08 -10.94
N SER A 162 15.88 7.33 -9.86
CA SER A 162 16.97 6.50 -9.43
C SER A 162 16.65 5.04 -9.70
N THR A 163 15.42 4.60 -9.40
CA THR A 163 14.98 3.21 -9.67
C THR A 163 15.12 2.72 -11.14
N TRP A 164 15.05 3.66 -12.10
CA TRP A 164 15.22 3.34 -13.51
C TRP A 164 16.61 2.93 -13.74
N VAL A 165 17.54 3.60 -13.07
CA VAL A 165 18.92 3.09 -13.02
C VAL A 165 19.10 1.66 -12.45
N SER A 166 18.33 1.32 -11.43
CA SER A 166 18.32 -0.06 -10.94
C SER A 166 17.73 -1.03 -11.98
N ILE A 167 16.60 -0.64 -12.59
CA ILE A 167 15.96 -1.43 -13.61
C ILE A 167 17.02 -1.84 -14.59
N TYR A 168 17.80 -0.84 -15.04
CA TYR A 168 18.83 -1.06 -16.07
C TYR A 168 19.97 -2.00 -15.62
N ILE A 169 20.46 -1.77 -14.39
CA ILE A 169 21.50 -2.60 -13.76
C ILE A 169 21.20 -4.07 -13.79
N VAL A 170 19.96 -4.41 -13.49
CA VAL A 170 19.61 -5.83 -13.35
C VAL A 170 19.43 -6.43 -14.73
N LEU A 171 18.70 -5.73 -15.60
CA LEU A 171 18.55 -6.19 -16.97
C LEU A 171 19.90 -6.41 -17.60
N ASP A 172 20.86 -5.51 -17.30
CA ASP A 172 22.26 -5.69 -17.69
C ASP A 172 22.80 -7.05 -17.21
N LEU A 173 22.92 -7.24 -15.90
CA LEU A 173 23.30 -8.52 -15.30
C LEU A 173 22.66 -9.66 -16.03
N TRP A 174 21.34 -9.68 -16.01
CA TRP A 174 20.56 -10.70 -16.70
C TRP A 174 21.04 -11.04 -18.10
N ARG A 175 21.18 -10.04 -18.96
CA ARG A 175 21.58 -10.28 -20.35
C ARG A 175 23.05 -10.75 -20.49
N ARG A 176 23.93 -10.25 -19.63
CA ARG A 176 25.29 -10.78 -19.53
C ARG A 176 25.27 -12.29 -19.13
N TRP A 177 24.40 -12.63 -18.21
CA TRP A 177 24.24 -14.02 -17.83
C TRP A 177 23.62 -14.82 -18.93
N LYS A 178 22.63 -14.26 -19.60
CA LYS A 178 21.98 -14.98 -20.69
C LYS A 178 22.95 -15.19 -21.85
N ALA A 179 23.98 -14.34 -21.93
CA ALA A 179 24.99 -14.45 -22.98
C ALA A 179 25.93 -15.61 -22.69
N ALA A 180 26.64 -15.54 -21.58
CA ALA A 180 27.56 -16.61 -21.22
C ALA A 180 26.85 -17.94 -21.07
N ASN A 181 25.52 -17.95 -21.13
CA ASN A 181 24.75 -19.14 -20.81
C ASN A 181 23.57 -19.42 -21.72
N PRO A 182 23.77 -19.31 -23.04
CA PRO A 182 22.62 -19.35 -23.96
C PRO A 182 22.00 -20.72 -23.88
N GLY A 183 20.69 -20.77 -24.03
CA GLY A 183 19.94 -22.01 -23.93
C GLY A 183 19.72 -22.49 -22.52
N LYS A 184 20.10 -21.69 -21.51
CA LYS A 184 19.71 -21.98 -20.09
C LYS A 184 18.50 -21.12 -19.69
N VAL A 185 17.67 -21.63 -18.76
CA VAL A 185 16.60 -20.80 -18.19
C VAL A 185 17.15 -19.74 -17.24
N THR A 186 16.38 -18.69 -17.00
CA THR A 186 16.77 -17.71 -16.03
C THR A 186 16.72 -18.40 -14.68
N PRO A 187 17.79 -18.24 -13.88
CA PRO A 187 17.79 -18.56 -12.44
C PRO A 187 16.66 -17.90 -11.66
N LEU A 188 16.24 -18.54 -10.58
CA LEU A 188 15.06 -18.11 -9.83
C LEU A 188 15.12 -16.69 -9.27
N VAL A 189 16.06 -16.42 -8.38
CA VAL A 189 16.09 -15.10 -7.74
C VAL A 189 16.19 -14.05 -8.82
N THR A 190 17.09 -14.26 -9.77
CA THR A 190 17.27 -13.39 -10.93
C THR A 190 16.04 -13.21 -11.89
N TYR A 191 15.33 -14.32 -12.19
CA TYR A 191 14.01 -14.27 -12.87
C TYR A 191 12.99 -13.39 -12.10
N MET A 192 13.01 -13.51 -10.76
CA MET A 192 12.15 -12.69 -9.92
C MET A 192 12.50 -11.24 -10.05
N ALA A 193 13.79 -10.93 -9.95
CA ALA A 193 14.22 -9.53 -9.93
C ALA A 193 13.91 -8.89 -11.28
N VAL A 194 13.98 -9.71 -12.34
CA VAL A 194 13.80 -9.18 -13.69
C VAL A 194 12.33 -8.78 -13.94
N VAL A 195 11.39 -9.71 -13.68
CA VAL A 195 9.96 -9.39 -13.83
C VAL A 195 9.61 -8.27 -12.87
N PHE A 196 10.15 -8.36 -11.64
CA PHE A 196 10.00 -7.30 -10.67
C PHE A 196 10.26 -5.97 -11.36
N TRP A 197 11.47 -5.76 -11.80
CA TRP A 197 11.85 -4.44 -12.27
C TRP A 197 11.13 -4.02 -13.50
N LEU A 198 10.87 -4.97 -14.40
CA LEU A 198 10.13 -4.65 -15.62
C LEU A 198 8.76 -4.08 -15.22
N MET A 199 7.98 -4.87 -14.47
CA MET A 199 6.74 -4.39 -13.86
C MET A 199 6.88 -2.97 -13.34
N TRP A 200 7.87 -2.73 -12.46
CA TRP A 200 8.09 -1.39 -11.93
C TRP A 200 8.21 -0.36 -13.02
N PHE A 201 8.77 -0.74 -14.15
CA PHE A 201 8.95 0.21 -15.20
C PHE A 201 7.57 0.71 -15.75
N LEU A 202 6.75 -0.19 -16.28
CA LEU A 202 5.37 0.16 -16.67
C LEU A 202 4.64 0.94 -15.55
N ALA A 203 4.71 0.40 -14.34
CA ALA A 203 4.10 1.01 -13.18
C ALA A 203 4.46 2.51 -13.06
N SER A 204 5.76 2.80 -13.13
CA SER A 204 6.26 4.15 -12.84
C SER A 204 5.86 5.29 -13.83
N LEU A 205 5.41 4.93 -15.04
CA LEU A 205 5.17 5.94 -16.08
C LEU A 205 4.03 6.83 -15.61
N GLY A 206 3.01 6.21 -14.97
CA GLY A 206 1.89 6.93 -14.34
C GLY A 206 2.37 8.17 -13.60
N LEU A 207 3.30 7.99 -12.67
CA LEU A 207 3.72 9.05 -11.80
C LEU A 207 4.61 10.05 -12.54
N VAL A 208 5.49 9.51 -13.36
CA VAL A 208 6.47 10.31 -14.08
C VAL A 208 5.74 11.19 -15.06
N LEU A 209 4.67 10.63 -15.64
CA LEU A 209 3.78 11.39 -16.49
C LEU A 209 3.10 12.53 -15.76
N GLU A 210 2.46 12.22 -14.63
CA GLU A 210 1.85 13.23 -13.82
C GLU A 210 2.88 14.24 -13.33
N ALA A 211 4.12 13.78 -13.12
CA ALA A 211 5.17 14.65 -12.62
C ALA A 211 5.66 15.63 -13.67
N VAL A 212 5.82 15.15 -14.89
CA VAL A 212 6.41 15.91 -15.93
C VAL A 212 5.35 16.80 -16.60
N LEU A 213 4.21 16.21 -16.93
CA LEU A 213 3.20 16.96 -17.65
C LEU A 213 2.43 17.92 -16.74
N PHE A 214 2.58 17.77 -15.42
CA PHE A 214 1.70 18.47 -14.45
C PHE A 214 2.35 18.99 -13.20
N LEU A 215 2.84 18.09 -12.38
CA LEU A 215 3.31 18.50 -11.09
C LEU A 215 4.43 19.52 -11.17
N LEU A 216 5.39 19.30 -12.06
CA LEU A 216 6.60 20.16 -12.13
C LEU A 216 6.41 21.52 -12.81
N PRO A 217 5.77 21.54 -13.98
CA PRO A 217 5.46 22.80 -14.62
C PRO A 217 4.62 23.65 -13.64
N TRP A 218 3.69 22.99 -12.95
CA TRP A 218 2.78 23.68 -12.07
C TRP A 218 3.49 24.22 -10.85
N SER A 219 4.37 23.39 -10.28
CA SER A 219 5.11 23.78 -9.05
C SER A 219 6.23 24.78 -9.34
N PHE A 220 6.60 24.89 -10.62
CA PHE A 220 7.53 25.89 -11.09
C PHE A 220 6.83 27.17 -11.56
N GLY A 221 5.49 27.12 -11.68
CA GLY A 221 4.72 28.29 -12.10
C GLY A 221 4.57 28.45 -13.61
N LEU A 222 4.94 27.43 -14.38
CA LEU A 222 4.77 27.48 -15.84
C LEU A 222 3.32 27.43 -16.28
N VAL A 223 2.43 27.01 -15.38
CA VAL A 223 1.00 26.88 -15.68
C VAL A 223 0.21 27.25 -14.40
N GLU A 224 -1.02 27.76 -14.57
CA GLU A 224 -1.73 28.29 -13.42
C GLU A 224 -2.33 27.21 -12.50
N GLY A 225 -2.95 26.19 -13.09
CA GLY A 225 -3.56 25.17 -12.29
C GLY A 225 -3.36 23.84 -12.90
N VAL A 226 -3.73 22.78 -12.17
CA VAL A 226 -3.72 21.40 -12.71
C VAL A 226 -5.14 20.78 -12.62
N ASP A 227 -5.48 19.92 -13.57
CA ASP A 227 -6.71 19.11 -13.47
C ASP A 227 -6.60 17.96 -12.45
N PRO A 228 -7.41 18.02 -11.40
CA PRO A 228 -7.28 17.12 -10.26
C PRO A 228 -7.55 15.65 -10.57
N LEU A 229 -8.57 15.43 -11.40
CA LEU A 229 -8.96 14.09 -11.85
C LEU A 229 -7.87 13.35 -12.72
N VAL A 230 -7.26 14.06 -13.67
CA VAL A 230 -6.18 13.48 -14.46
C VAL A 230 -5.01 13.12 -13.53
N ALA A 231 -4.54 14.10 -12.76
CA ALA A 231 -3.53 13.89 -11.70
C ALA A 231 -3.81 12.63 -10.85
N ARG A 232 -5.04 12.52 -10.30
CA ARG A 232 -5.43 11.35 -9.51
C ARG A 232 -5.33 10.06 -10.36
N THR A 233 -5.81 10.13 -11.59
CA THR A 233 -5.77 8.96 -12.46
C THR A 233 -4.35 8.53 -12.77
N LEU A 234 -3.51 9.50 -13.14
CA LEU A 234 -2.14 9.24 -13.43
C LEU A 234 -1.38 8.79 -12.21
N PHE A 235 -1.66 9.41 -11.06
CA PHE A 235 -0.99 9.00 -9.82
C PHE A 235 -1.30 7.53 -9.48
N TRP A 236 -2.57 7.17 -9.55
CA TRP A 236 -2.96 5.83 -9.14
C TRP A 236 -2.62 4.80 -10.13
N TRP A 237 -2.17 5.27 -11.30
CA TRP A 237 -1.60 4.37 -12.27
C TRP A 237 -0.36 3.74 -11.60
N THR A 238 0.55 4.59 -11.09
CA THR A 238 1.76 4.16 -10.40
C THR A 238 1.36 3.70 -9.01
N GLY A 239 0.38 4.42 -8.44
CA GLY A 239 0.01 4.31 -7.03
C GLY A 239 -0.26 2.93 -6.45
N HIS A 240 -0.95 2.08 -7.20
CA HIS A 240 -1.20 0.72 -6.71
C HIS A 240 -0.03 -0.24 -6.78
N PRO A 241 0.55 -0.43 -7.98
CA PRO A 241 1.71 -1.34 -8.13
C PRO A 241 2.94 -1.01 -7.24
N ILE A 242 3.17 0.27 -6.94
CA ILE A 242 4.20 0.64 -5.97
C ILE A 242 4.13 -0.15 -4.68
N ASN A 243 2.92 -0.32 -4.19
CA ASN A 243 2.59 -1.35 -3.19
C ASN A 243 3.16 -2.76 -3.44
N TYR A 244 2.96 -3.31 -4.64
CA TYR A 244 3.60 -4.57 -5.03
C TYR A 244 5.14 -4.40 -5.20
N PHE A 245 5.56 -3.18 -5.57
CA PHE A 245 6.94 -2.87 -5.62
C PHE A 245 7.49 -2.94 -4.17
N TRP A 246 6.74 -2.45 -3.19
CA TRP A 246 7.20 -2.60 -1.80
C TRP A 246 7.29 -4.05 -1.37
N LEU A 247 6.28 -4.86 -1.75
CA LEU A 247 6.12 -6.21 -1.21
C LEU A 247 7.12 -7.21 -1.74
N LEU A 248 7.34 -7.15 -3.06
CA LEU A 248 8.07 -8.20 -3.77
C LEU A 248 9.55 -8.46 -3.38
N PRO A 249 10.26 -7.42 -2.89
CA PRO A 249 11.58 -7.65 -2.31
C PRO A 249 11.44 -8.68 -1.17
N ALA A 250 10.46 -8.48 -0.27
CA ALA A 250 10.18 -9.43 0.86
C ALA A 250 9.81 -10.85 0.43
N TYR A 251 9.01 -10.95 -0.64
CA TYR A 251 8.65 -12.23 -1.21
C TYR A 251 9.89 -12.96 -1.79
N ALA A 252 10.79 -12.20 -2.43
CA ALA A 252 12.09 -12.77 -2.88
C ALA A 252 12.64 -13.52 -1.68
N ILE A 253 12.89 -12.76 -0.60
CA ILE A 253 13.37 -13.32 0.68
C ILE A 253 12.49 -14.43 1.27
N ILE A 254 11.22 -14.14 1.59
CA ILE A 254 10.28 -15.26 1.93
C ILE A 254 10.46 -16.56 1.07
N TYR A 255 10.51 -16.40 -0.25
CA TYR A 255 10.58 -17.54 -1.17
C TYR A 255 11.98 -18.25 -1.27
N THR A 256 13.04 -17.48 -1.32
CA THR A 256 14.32 -18.06 -1.70
C THR A 256 15.32 -18.08 -0.57
N ILE A 257 14.94 -17.53 0.57
CA ILE A 257 15.85 -17.47 1.72
C ILE A 257 15.24 -18.04 2.98
N LEU A 258 14.04 -17.62 3.31
CA LEU A 258 13.37 -18.05 4.53
C LEU A 258 13.24 -19.58 4.72
N PRO A 259 13.01 -20.33 3.64
CA PRO A 259 12.95 -21.77 3.75
C PRO A 259 14.26 -22.33 4.27
N LYS A 260 15.37 -21.76 3.83
CA LYS A 260 16.66 -22.17 4.33
C LYS A 260 16.69 -22.02 5.85
N GLN A 261 16.58 -20.78 6.32
CA GLN A 261 16.72 -20.50 7.74
C GLN A 261 15.60 -21.03 8.60
N ALA A 262 14.58 -21.61 7.97
CA ALA A 262 13.52 -22.26 8.72
C ALA A 262 13.81 -23.73 8.93
N GLY A 263 14.77 -24.25 8.19
CA GLY A 263 15.19 -25.61 8.35
C GLY A 263 14.81 -26.54 7.21
N GLY A 264 14.22 -26.00 6.15
CA GLY A 264 13.73 -26.83 5.03
C GLY A 264 14.10 -26.24 3.69
N LYS A 265 13.19 -26.36 2.73
CA LYS A 265 13.48 -25.93 1.35
C LYS A 265 12.31 -25.15 0.75
N LEU A 266 12.50 -24.63 -0.47
CA LEU A 266 11.39 -24.10 -1.24
C LEU A 266 10.67 -25.29 -1.93
N VAL A 267 9.40 -25.46 -1.67
CA VAL A 267 8.64 -26.57 -2.24
C VAL A 267 8.43 -26.57 -3.72
N SER A 268 8.27 -25.41 -4.34
CA SER A 268 8.39 -25.34 -5.78
C SER A 268 8.96 -24.06 -6.35
N ASP A 269 10.01 -24.15 -7.15
CA ASP A 269 10.54 -23.08 -8.00
C ASP A 269 9.53 -22.56 -9.04
N PRO A 270 8.82 -23.48 -9.73
CA PRO A 270 7.82 -23.02 -10.78
C PRO A 270 6.60 -22.22 -10.26
N MET A 271 5.98 -22.67 -9.16
CA MET A 271 4.98 -21.87 -8.48
C MET A 271 5.51 -20.46 -8.13
N ALA A 272 6.78 -20.39 -7.72
CA ALA A 272 7.37 -19.12 -7.32
C ALA A 272 7.56 -18.23 -8.50
N ARG A 273 7.85 -18.81 -9.64
CA ARG A 273 8.00 -18.01 -10.84
C ARG A 273 6.59 -17.56 -11.21
N LEU A 274 5.67 -18.50 -11.23
CA LEU A 274 4.30 -18.20 -11.61
C LEU A 274 3.76 -16.99 -10.85
N ALA A 275 3.89 -17.03 -9.51
CA ALA A 275 3.49 -15.92 -8.66
C ALA A 275 4.09 -14.63 -9.17
N PHE A 276 5.41 -14.61 -9.34
CA PHE A 276 6.04 -13.35 -9.76
C PHE A 276 5.52 -12.90 -11.10
N LEU A 277 5.45 -13.83 -12.05
CA LEU A 277 4.97 -13.52 -13.39
C LEU A 277 3.59 -12.89 -13.33
N LEU A 278 2.67 -13.57 -12.64
CA LEU A 278 1.35 -13.03 -12.42
C LEU A 278 1.41 -11.60 -11.95
N PHE A 279 2.34 -11.28 -11.05
CA PHE A 279 2.46 -9.91 -10.58
C PHE A 279 2.80 -8.94 -11.69
N LEU A 280 3.83 -9.24 -12.45
CA LEU A 280 4.16 -8.44 -13.62
C LEU A 280 2.96 -8.07 -14.57
N LEU A 281 2.05 -9.05 -14.78
CA LEU A 281 0.94 -8.88 -15.67
C LEU A 281 -0.28 -8.27 -15.01
N LEU A 282 -0.47 -8.48 -13.70
CA LEU A 282 -1.68 -7.98 -13.01
C LEU A 282 -1.49 -6.87 -11.96
N SER A 283 -0.25 -6.42 -11.76
CA SER A 283 0.02 -5.36 -10.79
C SER A 283 -0.37 -3.94 -11.24
N THR A 284 -0.46 -3.69 -12.55
CA THR A 284 -0.66 -2.29 -13.01
C THR A 284 -2.03 -1.82 -13.50
N PRO A 285 -2.79 -2.69 -14.15
CA PRO A 285 -4.12 -2.31 -14.69
C PRO A 285 -5.28 -2.19 -13.67
N VAL A 286 -4.94 -1.93 -12.44
CA VAL A 286 -5.90 -2.02 -11.38
C VAL A 286 -6.09 -0.76 -10.55
N GLY A 287 -5.63 0.36 -11.04
CA GLY A 287 -5.59 1.59 -10.30
C GLY A 287 -6.91 2.14 -9.84
N PHE A 288 -7.95 1.88 -10.57
CA PHE A 288 -9.22 2.48 -10.34
C PHE A 288 -9.76 2.11 -8.99
N HIS A 289 -9.27 1.02 -8.42
CA HIS A 289 -9.73 0.57 -7.10
C HIS A 289 -9.37 1.54 -5.99
N HIS A 290 -8.66 2.62 -6.38
CA HIS A 290 -8.37 3.71 -5.50
C HIS A 290 -9.23 4.88 -5.86
N GLN A 291 -9.87 4.81 -7.02
CA GLN A 291 -10.72 5.88 -7.46
C GLN A 291 -12.25 5.60 -7.44
N PHE A 292 -12.65 4.61 -6.62
CA PHE A 292 -14.05 4.16 -6.54
C PHE A 292 -15.02 5.28 -6.21
N ALA A 293 -14.58 6.26 -5.45
CA ALA A 293 -15.43 7.41 -5.17
C ALA A 293 -15.11 8.64 -6.05
N ASP A 294 -14.28 8.45 -7.07
CA ASP A 294 -14.02 9.55 -8.02
C ASP A 294 -15.19 9.77 -9.01
N PRO A 295 -15.50 11.03 -9.24
CA PRO A 295 -16.43 11.42 -10.32
C PRO A 295 -15.78 11.30 -11.71
N GLY A 296 -16.60 11.40 -12.75
CA GLY A 296 -16.08 11.41 -14.10
C GLY A 296 -15.25 10.23 -14.57
N ILE A 297 -15.31 9.13 -13.83
CA ILE A 297 -14.73 7.85 -14.26
C ILE A 297 -15.82 6.75 -14.30
N ASP A 298 -16.09 6.26 -15.51
CA ASP A 298 -17.22 5.40 -15.76
C ASP A 298 -17.27 4.15 -14.86
N PRO A 299 -18.45 3.80 -14.34
CA PRO A 299 -18.60 2.60 -13.57
C PRO A 299 -18.11 1.30 -14.24
N THR A 300 -18.39 1.12 -15.54
CA THR A 300 -17.90 -0.07 -16.27
C THR A 300 -16.36 -0.17 -16.22
N TRP A 301 -15.67 0.95 -16.12
CA TRP A 301 -14.24 0.84 -15.87
C TRP A 301 -13.85 0.42 -14.49
N LYS A 302 -14.72 0.71 -13.51
CA LYS A 302 -14.42 0.44 -12.11
C LYS A 302 -14.66 -1.03 -11.84
N MET A 303 -15.76 -1.56 -12.39
CA MET A 303 -16.06 -2.99 -12.30
C MET A 303 -14.94 -3.80 -12.94
N ILE A 304 -14.34 -3.22 -13.99
CA ILE A 304 -13.25 -3.87 -14.70
C ILE A 304 -12.07 -3.98 -13.78
N HIS A 305 -11.58 -2.83 -13.28
CA HIS A 305 -10.40 -2.82 -12.39
C HIS A 305 -10.65 -3.49 -11.06
N SER A 306 -11.93 -3.61 -10.67
CA SER A 306 -12.31 -4.41 -9.52
C SER A 306 -11.99 -5.88 -9.80
N VAL A 307 -12.48 -6.37 -10.94
CA VAL A 307 -12.27 -7.74 -11.33
C VAL A 307 -10.76 -8.07 -11.54
N LEU A 308 -10.02 -7.13 -12.11
CA LEU A 308 -8.60 -7.35 -12.32
C LEU A 308 -7.86 -7.25 -10.99
N THR A 309 -8.40 -6.46 -10.05
CA THR A 309 -7.82 -6.38 -8.71
C THR A 309 -7.96 -7.74 -8.06
N LEU A 310 -9.16 -8.32 -8.14
CA LEU A 310 -9.36 -9.64 -7.55
C LEU A 310 -8.41 -10.68 -8.14
N PHE A 311 -7.99 -10.45 -9.38
CA PHE A 311 -7.07 -11.36 -10.03
C PHE A 311 -5.69 -11.23 -9.42
N VAL A 312 -5.25 -10.01 -9.17
CA VAL A 312 -3.91 -9.77 -8.60
C VAL A 312 -3.83 -10.23 -7.13
N ALA A 313 -4.96 -10.61 -6.57
CA ALA A 313 -4.94 -11.30 -5.31
C ALA A 313 -4.33 -12.67 -5.51
N VAL A 314 -4.57 -13.28 -6.68
CA VAL A 314 -4.28 -14.71 -6.92
C VAL A 314 -2.85 -15.17 -6.63
N PRO A 315 -1.85 -14.45 -7.17
CA PRO A 315 -0.45 -14.77 -6.87
C PRO A 315 -0.18 -14.84 -5.34
N SER A 316 -0.69 -13.88 -4.58
CA SER A 316 -0.62 -13.96 -3.12
C SER A 316 -1.37 -15.18 -2.51
N LEU A 317 -2.55 -15.49 -3.02
CA LEU A 317 -3.26 -16.69 -2.57
C LEU A 317 -2.37 -17.90 -2.82
N MET A 318 -1.80 -17.95 -4.02
CA MET A 318 -0.80 -18.94 -4.38
C MET A 318 0.34 -18.90 -3.34
N THR A 319 1.00 -17.75 -3.27
CA THR A 319 2.09 -17.51 -2.31
C THR A 319 1.82 -18.04 -0.89
N ALA A 320 0.61 -17.80 -0.35
CA ALA A 320 0.23 -18.29 1.01
C ALA A 320 0.51 -19.76 1.16
N PHE A 321 -0.07 -20.57 0.26
CA PHE A 321 0.07 -22.01 0.31
C PHE A 321 1.49 -22.44 0.11
N THR A 322 2.17 -21.80 -0.85
CA THR A 322 3.48 -22.28 -1.27
C THR A 322 4.41 -22.13 -0.10
N VAL A 323 4.41 -20.94 0.45
CA VAL A 323 5.28 -20.62 1.53
C VAL A 323 4.91 -21.47 2.77
N ALA A 324 3.59 -21.61 3.03
CA ALA A 324 3.09 -22.34 4.20
C ALA A 324 3.51 -23.83 4.12
N ALA A 325 3.43 -24.42 2.93
CA ALA A 325 3.83 -25.77 2.74
C ALA A 325 5.32 -25.86 2.92
N SER A 326 6.02 -24.80 2.54
CA SER A 326 7.49 -24.79 2.66
C SER A 326 7.92 -24.72 4.12
N LEU A 327 7.22 -23.90 4.89
CA LEU A 327 7.45 -23.81 6.30
C LEU A 327 7.07 -25.12 6.94
N GLU A 328 5.96 -25.75 6.50
CA GLU A 328 5.49 -27.00 7.12
C GLU A 328 6.52 -28.07 6.91
N PHE A 329 7.10 -28.06 5.72
CA PHE A 329 8.02 -29.11 5.36
C PHE A 329 9.32 -28.95 6.16
N ALA A 330 9.81 -27.72 6.28
CA ALA A 330 10.92 -27.41 7.18
C ALA A 330 10.60 -27.85 8.62
N GLY A 331 9.35 -27.71 9.03
CA GLY A 331 8.94 -28.08 10.38
C GLY A 331 8.94 -29.59 10.58
N ARG A 332 8.45 -30.32 9.58
CA ARG A 332 8.44 -31.78 9.58
C ARG A 332 9.87 -32.29 9.54
N LEU A 333 10.71 -31.58 8.80
CA LEU A 333 12.09 -31.95 8.70
C LEU A 333 12.78 -31.91 10.05
N ARG A 334 12.41 -30.95 10.89
CA ARG A 334 13.07 -30.80 12.17
C ARG A 334 12.33 -31.52 13.26
N GLY A 335 11.61 -32.58 12.89
CA GLY A 335 10.99 -33.47 13.86
C GLY A 335 9.58 -33.16 14.30
N GLY A 336 9.07 -32.00 13.89
CA GLY A 336 7.72 -31.61 14.26
C GLY A 336 6.79 -32.62 13.65
N ARG A 337 5.89 -33.15 14.46
CA ARG A 337 4.91 -34.12 13.99
C ARG A 337 3.59 -33.63 14.55
N GLY A 338 2.51 -33.94 13.85
CA GLY A 338 1.17 -33.55 14.27
C GLY A 338 0.56 -32.60 13.27
N LEU A 339 -0.24 -31.68 13.77
CA LEU A 339 -0.85 -30.66 12.93
C LEU A 339 -0.32 -29.29 13.35
N PHE A 340 0.04 -29.18 14.62
CA PHE A 340 0.66 -27.97 15.15
C PHE A 340 2.15 -28.23 15.41
N GLY A 341 2.52 -29.50 15.53
CA GLY A 341 3.88 -29.86 15.90
C GLY A 341 4.94 -29.20 15.05
N TRP A 342 4.71 -29.19 13.74
CA TRP A 342 5.68 -28.65 12.81
C TRP A 342 5.89 -27.20 13.06
N ILE A 343 4.90 -26.54 13.69
CA ILE A 343 5.02 -25.12 13.98
C ILE A 343 6.02 -24.87 15.10
N ARG A 344 5.93 -25.70 16.16
CA ARG A 344 6.85 -25.56 17.28
C ARG A 344 8.28 -25.92 16.88
N ALA A 345 8.42 -26.77 15.85
CA ALA A 345 9.74 -27.26 15.46
C ALA A 345 10.61 -26.18 14.82
N LEU A 346 9.96 -25.14 14.30
CA LEU A 346 10.66 -24.11 13.56
C LEU A 346 11.51 -23.23 14.47
N PRO A 347 12.56 -22.59 13.91
CA PRO A 347 13.63 -21.97 14.72
C PRO A 347 13.26 -20.60 15.30
N TRP A 348 12.40 -20.61 16.32
CA TRP A 348 11.88 -19.36 16.91
C TRP A 348 12.87 -18.58 17.73
N ASP A 349 14.00 -19.20 18.06
CA ASP A 349 15.14 -18.45 18.61
C ASP A 349 15.82 -17.54 17.52
N ASN A 350 15.57 -17.81 16.23
CA ASN A 350 16.18 -17.05 15.18
C ASN A 350 15.31 -15.90 14.65
N PRO A 351 15.69 -14.67 14.98
CA PRO A 351 14.91 -13.50 14.59
C PRO A 351 14.71 -13.40 13.08
N ALA A 352 15.73 -13.75 12.30
CA ALA A 352 15.65 -13.66 10.85
C ALA A 352 14.63 -14.67 10.33
N PHE A 353 14.20 -15.60 11.19
CA PHE A 353 13.11 -16.51 10.83
C PHE A 353 11.77 -15.90 11.27
N VAL A 354 11.77 -15.32 12.46
CA VAL A 354 10.55 -14.87 13.12
C VAL A 354 9.94 -13.64 12.42
N ALA A 355 10.80 -12.68 12.11
CA ALA A 355 10.33 -11.40 11.65
C ALA A 355 9.38 -11.58 10.45
N PRO A 356 9.82 -12.21 9.35
CA PRO A 356 8.91 -12.52 8.21
C PRO A 356 7.66 -13.40 8.53
N VAL A 357 7.82 -14.53 9.22
CA VAL A 357 6.67 -15.38 9.53
C VAL A 357 5.60 -14.64 10.36
N LEU A 358 6.04 -13.64 11.13
CA LEU A 358 5.11 -12.88 11.88
C LEU A 358 4.32 -11.96 10.92
N GLY A 359 5.05 -11.18 10.14
CA GLY A 359 4.44 -10.43 9.07
C GLY A 359 3.54 -11.28 8.20
N LEU A 360 3.86 -12.57 8.06
CA LEU A 360 3.02 -13.49 7.25
C LEU A 360 1.69 -13.74 7.94
N LEU A 361 1.70 -13.77 9.25
CA LEU A 361 0.46 -13.90 9.95
C LEU A 361 -0.41 -12.66 9.75
N GLY A 362 0.17 -11.48 9.94
CA GLY A 362 -0.59 -10.23 9.84
C GLY A 362 -1.24 -10.05 8.48
N PHE A 363 -0.55 -10.57 7.47
CA PHE A 363 -0.99 -10.54 6.09
C PHE A 363 -2.30 -11.31 5.82
N ILE A 364 -2.64 -12.28 6.67
CA ILE A 364 -3.93 -12.93 6.55
C ILE A 364 -5.06 -11.87 6.67
N PRO A 365 -5.28 -11.31 7.87
CA PRO A 365 -6.27 -10.24 8.00
C PRO A 365 -6.02 -9.07 7.00
N GLY A 366 -4.77 -8.72 6.78
CA GLY A 366 -4.41 -7.60 5.93
C GLY A 366 -4.99 -7.75 4.54
N GLY A 367 -4.63 -8.86 3.86
CA GLY A 367 -5.14 -9.22 2.53
C GLY A 367 -6.66 -9.31 2.47
N ALA A 368 -7.26 -9.95 3.49
CA ALA A 368 -8.71 -10.02 3.66
C ALA A 368 -9.35 -8.64 3.77
N GLY A 369 -8.65 -7.72 4.44
CA GLY A 369 -8.92 -6.27 4.35
C GLY A 369 -8.80 -5.74 2.91
N GLY A 370 -7.81 -6.23 2.18
CA GLY A 370 -7.60 -5.79 0.81
C GLY A 370 -8.70 -6.30 -0.09
N ILE A 371 -9.04 -7.57 0.05
CA ILE A 371 -10.10 -8.13 -0.75
C ILE A 371 -11.40 -7.31 -0.59
N VAL A 372 -11.80 -7.00 0.67
CA VAL A 372 -12.97 -6.12 0.90
C VAL A 372 -12.85 -4.81 0.06
N ASN A 373 -11.75 -4.09 0.24
CA ASN A 373 -11.53 -2.77 -0.43
C ASN A 373 -11.62 -2.81 -1.92
N ALA A 374 -11.48 -3.99 -2.46
CA ALA A 374 -11.39 -4.15 -3.88
C ALA A 374 -12.70 -4.36 -4.51
N SER A 375 -13.74 -4.43 -3.72
CA SER A 375 -14.99 -4.97 -4.16
C SER A 375 -16.00 -3.92 -4.57
N PHE A 376 -15.52 -2.78 -4.99
CA PHE A 376 -16.31 -1.79 -5.65
C PHE A 376 -17.21 -1.12 -4.70
N THR A 377 -18.45 -1.51 -4.70
CA THR A 377 -19.42 -0.91 -3.85
C THR A 377 -19.07 -1.06 -2.42
N LEU A 378 -18.53 -2.17 -2.02
CA LEU A 378 -18.19 -2.36 -0.59
C LEU A 378 -17.22 -1.31 -0.13
N ASP A 379 -16.32 -0.89 -1.02
CA ASP A 379 -15.40 0.18 -0.72
C ASP A 379 -16.05 1.47 -0.11
N TYR A 380 -17.32 1.76 -0.47
CA TYR A 380 -18.04 2.92 0.16
C TYR A 380 -18.35 2.79 1.62
N VAL A 381 -18.06 1.63 2.19
CA VAL A 381 -18.24 1.42 3.61
C VAL A 381 -17.00 1.92 4.34
N VAL A 382 -15.82 1.72 3.75
CA VAL A 382 -14.53 1.91 4.43
C VAL A 382 -13.68 3.05 3.88
N HIS A 383 -13.98 3.50 2.65
CA HIS A 383 -13.09 4.45 1.94
C HIS A 383 -12.79 5.65 2.78
N ASN A 384 -11.55 6.07 2.83
CA ASN A 384 -11.18 7.27 3.56
C ASN A 384 -11.41 7.28 5.09
N THR A 385 -11.81 6.13 5.64
CA THR A 385 -11.96 5.98 7.10
C THR A 385 -10.77 5.22 7.64
N ALA A 386 -10.70 5.10 8.97
CA ALA A 386 -9.49 4.58 9.65
C ALA A 386 -9.22 3.09 9.37
N TRP A 387 -10.23 2.43 8.82
CA TRP A 387 -10.05 1.07 8.28
C TRP A 387 -8.91 0.98 7.25
N VAL A 388 -8.87 1.88 6.29
CA VAL A 388 -7.79 1.87 5.26
C VAL A 388 -6.36 1.71 5.88
N PRO A 389 -5.98 2.62 6.79
CA PRO A 389 -4.67 2.53 7.43
C PRO A 389 -4.51 1.28 8.30
N GLY A 390 -5.57 0.90 9.02
CA GLY A 390 -5.65 -0.41 9.66
C GLY A 390 -5.33 -1.57 8.70
N HIS A 391 -5.87 -1.51 7.48
CA HIS A 391 -5.50 -2.50 6.46
C HIS A 391 -4.00 -2.43 6.14
N PHE A 392 -3.57 -1.30 5.59
CA PHE A 392 -2.24 -1.23 4.98
C PHE A 392 -1.01 -1.29 5.92
N HIS A 393 -1.18 -0.98 7.20
CA HIS A 393 -0.16 -1.28 8.19
C HIS A 393 0.14 -2.75 8.31
N LEU A 394 -0.83 -3.60 8.16
CA LEU A 394 -0.64 -5.01 8.28
C LEU A 394 0.14 -5.49 7.12
N GLN A 395 0.21 -4.68 6.09
CA GLN A 395 0.85 -5.08 4.87
C GLN A 395 2.21 -4.53 4.81
N VAL A 396 2.32 -3.26 4.54
CA VAL A 396 3.60 -2.63 4.49
C VAL A 396 4.39 -2.46 5.78
N ALA A 397 3.73 -2.07 6.85
CA ALA A 397 4.41 -1.62 8.03
C ALA A 397 4.60 -2.74 8.95
N SER A 398 4.13 -3.92 8.54
CA SER A 398 4.34 -5.17 9.27
C SER A 398 5.11 -6.17 8.35
N LEU A 399 4.42 -6.81 7.40
CA LEU A 399 5.07 -7.84 6.60
C LEU A 399 6.33 -7.37 5.82
N VAL A 400 6.26 -6.20 5.20
CA VAL A 400 7.45 -5.68 4.51
C VAL A 400 8.53 -5.35 5.58
N THR A 401 8.27 -4.31 6.38
CA THR A 401 9.09 -3.90 7.51
C THR A 401 9.67 -5.03 8.38
N LEU A 402 8.81 -5.94 8.86
CA LEU A 402 9.29 -7.07 9.68
C LEU A 402 10.31 -7.87 8.89
N THR A 403 10.09 -8.00 7.59
CA THR A 403 11.03 -8.77 6.76
C THR A 403 12.34 -7.99 6.72
N ALA A 404 12.27 -6.71 6.36
CA ALA A 404 13.45 -5.89 6.28
C ALA A 404 14.22 -5.96 7.59
N MET A 405 13.48 -5.99 8.68
CA MET A 405 14.09 -6.02 10.02
C MET A 405 14.86 -7.28 10.28
N GLY A 406 14.23 -8.43 10.15
CA GLY A 406 14.91 -9.68 10.44
C GLY A 406 16.08 -9.94 9.50
N SER A 407 16.12 -9.21 8.38
CA SER A 407 17.22 -9.30 7.42
C SER A 407 18.50 -8.74 8.02
N LEU A 408 18.34 -7.79 8.94
CA LEU A 408 19.45 -7.27 9.70
C LEU A 408 20.39 -8.33 10.25
N TYR A 409 19.83 -9.47 10.61
N TYR A 409 19.80 -9.46 10.65
CA TYR A 409 20.55 -10.48 11.35
CA TYR A 409 20.52 -10.53 11.36
C TYR A 409 21.21 -11.55 10.47
C TYR A 409 21.34 -11.42 10.44
N TRP A 410 21.02 -11.41 9.16
CA TRP A 410 21.73 -12.23 8.18
C TRP A 410 22.36 -11.40 7.10
N LEU A 411 21.69 -10.34 6.67
CA LEU A 411 22.20 -9.54 5.60
C LEU A 411 23.33 -8.60 6.06
N LEU A 412 23.43 -8.35 7.35
CA LEU A 412 24.33 -7.32 7.82
C LEU A 412 25.70 -7.86 8.04
N PRO A 413 25.81 -9.00 8.72
CA PRO A 413 27.08 -9.69 8.77
C PRO A 413 27.54 -10.03 7.34
N ASN A 414 26.60 -10.38 6.45
CA ASN A 414 26.98 -10.69 5.06
C ASN A 414 27.58 -9.51 4.36
N LEU A 415 27.16 -8.33 4.77
CA LEU A 415 27.63 -7.09 4.18
C LEU A 415 28.73 -6.34 4.93
N THR A 416 28.92 -6.63 6.22
CA THR A 416 29.89 -5.90 7.00
C THR A 416 30.96 -6.72 7.73
N GLY A 417 30.78 -8.03 7.80
CA GLY A 417 31.62 -8.86 8.64
C GLY A 417 31.39 -8.63 10.13
N LYS A 418 30.56 -7.63 10.47
CA LYS A 418 30.19 -7.36 11.84
C LYS A 418 29.28 -8.49 12.37
N PRO A 419 29.71 -9.19 13.43
CA PRO A 419 28.97 -10.34 13.94
C PRO A 419 27.79 -9.88 14.84
N ILE A 420 26.83 -10.77 15.06
CA ILE A 420 25.70 -10.44 15.93
C ILE A 420 25.85 -11.29 17.17
N SER A 421 25.92 -10.66 18.33
CA SER A 421 26.09 -11.40 19.57
C SER A 421 24.84 -12.18 19.90
N ASP A 422 24.92 -13.04 20.91
CA ASP A 422 23.77 -13.75 21.41
C ASP A 422 22.82 -12.73 22.07
N ALA A 423 23.38 -11.93 22.97
CA ALA A 423 22.68 -10.78 23.51
C ALA A 423 21.92 -10.08 22.40
N GLN A 424 22.65 -9.64 21.36
CA GLN A 424 22.09 -8.90 20.24
C GLN A 424 20.88 -9.57 19.53
N ARG A 425 20.94 -10.90 19.41
CA ARG A 425 19.84 -11.71 18.86
C ARG A 425 18.56 -11.72 19.73
N ARG A 426 18.73 -11.71 21.06
CA ARG A 426 17.58 -11.71 21.97
C ARG A 426 16.84 -10.37 21.93
N LEU A 427 17.58 -9.28 21.71
CA LEU A 427 17.00 -7.93 21.54
C LEU A 427 16.14 -7.84 20.29
N GLY A 428 16.69 -8.30 19.15
CA GLY A 428 15.90 -8.54 17.91
C GLY A 428 14.54 -9.25 18.08
N LEU A 429 14.53 -10.36 18.82
CA LEU A 429 13.28 -11.10 19.04
C LEU A 429 12.24 -10.18 19.71
N ALA A 430 12.67 -9.53 20.79
CA ALA A 430 11.90 -8.49 21.45
C ALA A 430 11.27 -7.50 20.46
N VAL A 431 12.12 -6.70 19.80
CA VAL A 431 11.68 -5.79 18.72
C VAL A 431 10.64 -6.38 17.77
N VAL A 432 11.03 -7.44 17.08
CA VAL A 432 10.19 -8.02 16.08
C VAL A 432 8.82 -8.36 16.67
N TRP A 433 8.80 -9.12 17.79
CA TRP A 433 7.52 -9.47 18.44
C TRP A 433 6.72 -8.26 18.86
N LEU A 434 7.35 -7.37 19.61
CA LEU A 434 6.69 -6.14 20.04
C LEU A 434 6.09 -5.38 18.86
N TRP A 435 6.85 -5.32 17.76
CA TRP A 435 6.40 -4.64 16.55
C TRP A 435 5.23 -5.35 15.96
N PHE A 436 5.34 -6.67 15.84
CA PHE A 436 4.21 -7.45 15.38
C PHE A 436 3.01 -7.20 16.28
N LEU A 437 3.13 -7.54 17.57
CA LEU A 437 2.02 -7.32 18.56
C LEU A 437 1.40 -5.94 18.50
N GLY A 438 2.24 -4.92 18.38
CA GLY A 438 1.76 -3.55 18.31
C GLY A 438 0.94 -3.32 17.06
N MET A 439 1.41 -3.87 15.94
CA MET A 439 0.75 -3.68 14.65
C MET A 439 -0.53 -4.45 14.60
N MET A 440 -0.57 -5.60 15.28
CA MET A 440 -1.85 -6.26 15.52
C MET A 440 -2.84 -5.42 16.34
N ILE A 441 -2.38 -4.81 17.45
CA ILE A 441 -3.29 -4.04 18.29
C ILE A 441 -3.80 -2.83 17.55
N MET A 442 -2.90 -2.15 16.89
CA MET A 442 -3.29 -1.04 16.08
C MET A 442 -4.30 -1.48 15.01
N ALA A 443 -4.09 -2.66 14.48
CA ALA A 443 -4.93 -3.13 13.42
C ALA A 443 -6.40 -3.31 13.90
N VAL A 444 -6.56 -3.67 15.18
CA VAL A 444 -7.91 -3.86 15.75
C VAL A 444 -8.53 -2.49 15.93
N GLY A 445 -7.80 -1.60 16.57
CA GLY A 445 -8.27 -0.22 16.79
C GLY A 445 -8.67 0.56 15.56
N LEU A 446 -7.84 0.54 14.52
CA LEU A 446 -8.16 1.25 13.29
C LEU A 446 -9.37 0.69 12.50
N HIS A 447 -9.30 -0.58 12.10
CA HIS A 447 -10.40 -1.24 11.43
C HIS A 447 -11.73 -0.97 12.12
N TRP A 448 -11.76 -1.21 13.41
CA TRP A 448 -12.99 -1.04 14.17
C TRP A 448 -13.46 0.42 14.12
N ALA A 449 -12.50 1.33 14.22
CA ALA A 449 -12.80 2.75 14.16
C ALA A 449 -13.32 3.18 12.79
N GLY A 450 -12.72 2.66 11.72
CA GLY A 450 -13.18 2.96 10.37
C GLY A 450 -14.61 2.47 10.13
N LEU A 451 -14.96 1.36 10.80
CA LEU A 451 -16.33 0.83 10.72
C LEU A 451 -17.28 1.71 11.54
N LEU A 452 -16.75 2.42 12.52
CA LEU A 452 -17.54 3.39 13.23
C LEU A 452 -17.54 4.74 12.50
N ASN A 453 -16.95 4.75 11.29
CA ASN A 453 -16.98 5.92 10.38
C ASN A 453 -16.03 7.01 10.73
N VAL A 454 -14.96 6.65 11.42
CA VAL A 454 -13.92 7.60 11.73
C VAL A 454 -13.03 7.82 10.47
N PRO A 455 -12.84 9.07 10.09
CA PRO A 455 -11.97 9.40 8.97
C PRO A 455 -10.47 9.12 9.18
N ARG A 456 -9.82 8.66 8.12
CA ARG A 456 -8.37 8.68 8.04
C ARG A 456 -7.75 10.11 7.87
N ARG A 457 -6.45 10.20 8.06
CA ARG A 457 -5.74 11.47 7.85
C ARG A 457 -6.26 12.66 8.70
N ALA A 458 -6.68 12.40 9.94
CA ALA A 458 -7.28 13.45 10.74
C ALA A 458 -6.82 13.55 12.21
N TYR A 459 -6.54 14.76 12.63
CA TYR A 459 -6.12 15.02 13.99
C TYR A 459 -7.35 14.96 14.92
N ILE A 460 -7.96 13.78 15.01
CA ILE A 460 -9.25 13.65 15.69
C ILE A 460 -9.14 14.06 17.15
N ALA A 461 -7.92 13.99 17.69
CA ALA A 461 -7.70 14.26 19.09
C ALA A 461 -8.02 15.68 19.43
N GLN A 462 -8.06 16.55 18.42
CA GLN A 462 -8.36 17.99 18.62
C GLN A 462 -9.86 18.34 18.55
N VAL A 463 -10.67 17.39 18.10
CA VAL A 463 -12.12 17.47 18.20
C VAL A 463 -12.46 16.24 19.05
N PRO A 464 -12.12 16.29 20.33
CA PRO A 464 -12.19 15.09 21.17
C PRO A 464 -13.57 14.59 21.48
N ASP A 465 -14.60 15.45 21.36
CA ASP A 465 -16.03 14.99 21.51
C ASP A 465 -16.74 14.54 20.20
N ALA A 466 -15.96 14.44 19.09
CA ALA A 466 -16.50 14.16 17.74
C ALA A 466 -16.91 12.69 17.38
N TYR A 467 -16.25 11.71 18.02
CA TYR A 467 -16.43 10.26 17.71
C TYR A 467 -16.58 9.45 19.02
N PRO A 468 -17.58 9.81 19.83
CA PRO A 468 -17.87 9.10 21.11
C PRO A 468 -18.21 7.67 20.97
N HIS A 469 -18.69 7.28 19.81
CA HIS A 469 -19.07 5.90 19.56
C HIS A 469 -17.89 4.99 19.50
N ALA A 470 -16.69 5.56 19.45
CA ALA A 470 -15.46 4.75 19.32
C ALA A 470 -14.54 4.83 20.49
N ALA A 471 -15.06 4.81 21.71
CA ALA A 471 -14.19 4.81 22.86
C ALA A 471 -13.43 3.48 22.89
N VAL A 472 -14.14 2.37 22.77
CA VAL A 472 -13.54 1.05 22.82
C VAL A 472 -12.34 0.81 21.90
N PRO A 473 -12.47 1.08 20.60
CA PRO A 473 -11.36 0.82 19.65
C PRO A 473 -10.22 1.80 19.99
N MET A 474 -10.57 3.04 20.31
CA MET A 474 -9.58 4.03 20.78
C MET A 474 -8.55 3.61 21.88
N VAL A 475 -8.96 2.72 22.80
CA VAL A 475 -8.07 2.18 23.82
C VAL A 475 -7.00 1.29 23.21
N PHE A 476 -7.36 0.52 22.19
CA PHE A 476 -6.37 -0.21 21.40
C PHE A 476 -5.33 0.72 20.76
N ASN A 477 -5.82 1.82 20.22
CA ASN A 477 -4.95 2.73 19.53
C ASN A 477 -3.88 3.24 20.50
N VAL A 478 -4.32 3.72 21.66
CA VAL A 478 -3.41 4.17 22.68
C VAL A 478 -2.41 3.08 23.08
N LEU A 479 -2.88 1.84 23.24
CA LEU A 479 -2.03 0.72 23.69
C LEU A 479 -0.99 0.37 22.67
N ALA A 480 -1.41 0.25 21.42
CA ALA A 480 -0.51 0.04 20.30
C ALA A 480 0.51 1.22 20.19
N GLY A 481 -0.01 2.44 20.41
CA GLY A 481 0.81 3.63 20.55
C GLY A 481 2.02 3.44 21.44
N ILE A 482 1.79 3.09 22.69
CA ILE A 482 2.93 2.94 23.60
C ILE A 482 3.81 1.70 23.29
N VAL A 483 3.15 0.54 23.14
CA VAL A 483 3.77 -0.71 22.63
C VAL A 483 4.66 -0.48 21.40
N LEU A 484 4.17 0.20 20.38
CA LEU A 484 5.05 0.51 19.21
C LEU A 484 6.12 1.59 19.46
N LEU A 485 5.96 2.40 20.54
CA LEU A 485 7.02 3.30 20.97
C LEU A 485 8.14 2.51 21.62
N VAL A 486 7.78 1.57 22.50
CA VAL A 486 8.79 0.69 23.13
C VAL A 486 9.60 -0.06 22.04
N ALA A 487 8.90 -0.79 21.18
CA ALA A 487 9.58 -1.49 20.08
C ALA A 487 10.53 -0.56 19.32
N LEU A 488 10.00 0.56 18.79
CA LEU A 488 10.84 1.51 18.03
C LEU A 488 12.15 1.94 18.74
N LEU A 489 12.07 2.42 19.99
CA LEU A 489 13.27 2.69 20.78
C LEU A 489 14.25 1.52 20.82
N LEU A 490 13.78 0.34 21.19
CA LEU A 490 14.61 -0.86 21.08
C LEU A 490 15.28 -1.01 19.70
N PHE A 491 14.53 -0.80 18.63
CA PHE A 491 15.06 -1.02 17.29
C PHE A 491 16.15 -0.01 17.01
N ILE A 492 15.98 1.22 17.49
CA ILE A 492 17.00 2.22 17.34
C ILE A 492 18.23 1.74 18.12
N TYR A 493 18.06 1.52 19.43
CA TYR A 493 19.17 1.08 20.26
C TYR A 493 19.92 -0.03 19.57
N GLY A 494 19.18 -1.08 19.19
CA GLY A 494 19.76 -2.30 18.61
C GLY A 494 20.47 -2.10 17.28
N LEU A 495 19.78 -1.49 16.34
CA LEU A 495 20.36 -1.23 15.03
C LEU A 495 21.67 -0.49 15.20
N PHE A 496 21.79 0.33 16.24
CA PHE A 496 23.06 1.01 16.50
C PHE A 496 24.13 0.20 17.20
N SER A 497 23.73 -0.80 18.00
CA SER A 497 24.68 -1.79 18.55
C SER A 497 25.48 -2.53 17.47
N VAL A 498 24.79 -2.93 16.41
CA VAL A 498 25.43 -3.60 15.28
C VAL A 498 26.16 -2.57 14.40
N LEU A 499 25.44 -1.57 13.91
CA LEU A 499 26.03 -0.61 12.99
C LEU A 499 27.36 -0.13 13.55
N LEU A 500 27.35 0.34 14.80
CA LEU A 500 28.55 0.86 15.43
C LEU A 500 29.33 -0.17 16.26
N SER A 501 29.18 -1.47 15.95
CA SER A 501 29.91 -2.57 16.64
C SER A 501 31.44 -2.49 16.48
N ARG A 502 32.17 -2.86 17.53
CA ARG A 502 33.63 -2.63 17.63
C ARG A 502 34.51 -3.76 17.04
N GLU A 503 33.92 -4.93 16.78
CA GLU A 503 34.66 -6.12 16.32
C GLU A 503 34.18 -6.57 14.93
N ARG A 504 35.12 -6.94 14.06
CA ARG A 504 34.79 -7.49 12.72
C ARG A 504 35.29 -8.93 12.50
N LYS A 505 34.69 -9.59 11.51
CA LYS A 505 35.10 -10.95 11.10
C LYS A 505 34.91 -11.10 9.57
N PRO A 506 35.97 -10.82 8.80
CA PRO A 506 35.91 -10.90 7.32
C PRO A 506 35.38 -12.22 6.70
N GLU A 507 35.37 -13.27 7.50
CA GLU A 507 34.86 -14.55 7.06
C GLU A 507 33.32 -14.57 7.03
N LEU A 508 32.70 -13.62 7.74
CA LEU A 508 31.23 -13.45 7.75
C LEU A 508 30.80 -12.88 6.42
N ALA A 509 31.46 -11.77 6.05
CA ALA A 509 31.29 -11.15 4.72
C ALA A 509 31.47 -12.14 3.57
N GLU A 510 32.39 -13.09 3.75
CA GLU A 510 32.76 -14.02 2.70
C GLU A 510 31.84 -15.20 2.60
N ALA A 511 31.31 -15.65 3.75
CA ALA A 511 30.34 -16.76 3.79
C ALA A 511 29.24 -16.47 2.77
N PRO A 512 28.40 -17.46 2.43
CA PRO A 512 27.40 -17.23 1.39
C PRO A 512 26.02 -16.86 1.98
N LEU A 513 25.17 -16.17 1.19
CA LEU A 513 23.76 -15.93 1.58
C LEU A 513 23.07 -17.26 1.78
N PRO A 514 22.33 -17.39 2.87
CA PRO A 514 21.51 -18.58 3.12
C PRO A 514 20.39 -18.81 2.11
N PHE A 515 20.70 -18.77 0.81
CA PHE A 515 19.75 -19.18 -0.25
C PHE A 515 19.21 -20.63 -0.04
N ALA A 516 17.89 -20.82 -0.19
CA ALA A 516 17.30 -22.14 0.02
C ALA A 516 17.45 -23.12 -1.15
N GLU A 517 17.46 -24.41 -0.85
CA GLU A 517 17.43 -25.42 -1.90
C GLU A 517 15.98 -25.54 -2.32
N VAL A 518 15.76 -26.01 -3.53
CA VAL A 518 14.43 -26.25 -4.02
C VAL A 518 14.16 -27.71 -3.77
N ILE A 519 13.00 -28.07 -3.24
CA ILE A 519 12.63 -29.49 -3.06
C ILE A 519 12.72 -30.27 -4.39
N SER A 520 13.17 -31.51 -4.27
CA SER A 520 13.50 -32.34 -5.39
C SER A 520 12.29 -33.11 -5.77
N GLY A 521 11.70 -32.72 -6.88
CA GLY A 521 10.61 -33.44 -7.45
C GLY A 521 10.63 -32.89 -8.84
N PRO A 522 10.07 -33.63 -9.77
CA PRO A 522 10.15 -33.29 -11.17
C PRO A 522 9.31 -32.09 -11.34
N GLU A 523 9.47 -31.35 -12.41
CA GLU A 523 8.55 -30.25 -12.69
C GLU A 523 8.29 -29.93 -14.14
N ASP A 524 7.70 -28.76 -14.35
CA ASP A 524 7.31 -28.31 -15.66
C ASP A 524 8.39 -27.54 -16.36
N ARG A 525 9.29 -28.22 -17.05
CA ARG A 525 10.22 -27.52 -17.86
C ARG A 525 9.41 -26.65 -18.76
N ARG A 526 8.29 -27.18 -19.21
CA ARG A 526 7.43 -26.48 -20.13
C ARG A 526 6.82 -25.19 -19.63
N LEU A 527 6.35 -25.11 -18.40
CA LEU A 527 5.94 -23.84 -17.86
C LEU A 527 7.13 -22.98 -17.56
N VAL A 528 8.04 -23.51 -16.78
CA VAL A 528 9.25 -22.79 -16.55
C VAL A 528 9.71 -22.15 -17.85
N LEU A 529 9.81 -22.96 -18.91
CA LEU A 529 10.20 -22.48 -20.25
C LEU A 529 9.31 -21.38 -20.81
N ALA A 530 8.00 -21.54 -20.62
CA ALA A 530 7.00 -20.55 -21.05
C ALA A 530 7.31 -19.23 -20.41
N MET A 531 7.49 -19.29 -19.10
CA MET A 531 7.61 -18.09 -18.31
C MET A 531 8.95 -17.38 -18.55
N ASP A 532 9.89 -18.06 -19.23
CA ASP A 532 11.22 -17.46 -19.42
C ASP A 532 11.22 -16.53 -20.61
N ARG A 533 10.13 -16.59 -21.37
CA ARG A 533 9.94 -15.75 -22.54
C ARG A 533 9.51 -14.44 -21.94
N ILE A 534 10.49 -13.68 -21.45
CA ILE A 534 10.21 -12.50 -20.68
C ILE A 534 9.88 -11.32 -21.60
N GLY A 535 10.55 -11.21 -22.74
CA GLY A 535 10.28 -10.15 -23.67
C GLY A 535 8.79 -10.17 -23.92
N PHE A 536 8.26 -11.36 -24.15
CA PHE A 536 6.88 -11.51 -24.51
C PHE A 536 6.01 -10.98 -23.35
N TRP A 537 6.04 -11.67 -22.20
CA TRP A 537 5.20 -11.28 -21.07
C TRP A 537 5.22 -9.82 -20.76
N PHE A 538 6.34 -9.19 -21.01
CA PHE A 538 6.54 -7.79 -20.74
C PHE A 538 5.57 -7.08 -21.60
N ALA A 539 5.44 -7.49 -22.84
CA ALA A 539 4.54 -6.80 -23.73
C ALA A 539 3.12 -6.87 -23.29
N VAL A 540 2.70 -8.05 -22.91
CA VAL A 540 1.34 -8.30 -22.56
C VAL A 540 0.93 -7.50 -21.36
N ALA A 541 1.74 -7.53 -20.32
CA ALA A 541 1.54 -6.61 -19.19
C ALA A 541 1.28 -5.18 -19.67
N ALA A 542 2.11 -4.73 -20.64
CA ALA A 542 1.99 -3.38 -21.27
C ALA A 542 0.70 -3.20 -22.05
N ILE A 543 0.27 -4.25 -22.74
CA ILE A 543 -0.96 -4.17 -23.50
C ILE A 543 -2.07 -4.06 -22.47
N LEU A 544 -2.17 -5.04 -21.59
CA LEU A 544 -3.09 -4.93 -20.44
C LEU A 544 -3.18 -3.50 -19.83
N VAL A 545 -2.12 -2.71 -19.96
CA VAL A 545 -2.11 -1.34 -19.45
C VAL A 545 -2.66 -0.31 -20.46
N VAL A 546 -2.25 -0.44 -21.72
CA VAL A 546 -2.89 0.34 -22.80
C VAL A 546 -4.41 0.11 -22.70
N LEU A 547 -4.82 -1.18 -22.74
CA LEU A 547 -6.24 -1.56 -22.70
C LEU A 547 -7.01 -1.12 -21.44
N ALA A 548 -6.41 -1.31 -20.26
CA ALA A 548 -7.11 -0.99 -19.02
C ALA A 548 -7.16 0.52 -18.66
N TYR A 549 -6.10 1.27 -19.03
CA TYR A 549 -6.05 2.74 -18.81
C TYR A 549 -6.27 3.62 -20.03
N GLY A 550 -6.07 3.04 -21.22
CA GLY A 550 -6.16 3.79 -22.49
C GLY A 550 -7.36 4.68 -22.67
N PRO A 551 -8.55 4.10 -22.71
CA PRO A 551 -9.74 4.83 -23.10
C PRO A 551 -10.04 5.99 -22.11
N THR A 552 -10.05 5.65 -20.82
CA THR A 552 -10.30 6.63 -19.76
C THR A 552 -9.35 7.82 -19.87
N LEU A 553 -8.06 7.55 -20.06
CA LEU A 553 -7.05 8.61 -20.10
C LEU A 553 -7.25 9.46 -21.33
N VAL A 554 -7.68 8.82 -22.41
CA VAL A 554 -7.81 9.52 -23.66
C VAL A 554 -8.95 10.51 -23.51
N GLN A 555 -10.04 10.07 -22.87
CA GLN A 555 -11.17 10.96 -22.67
C GLN A 555 -10.88 12.05 -21.66
N LEU A 556 -10.06 11.74 -20.64
CA LEU A 556 -9.63 12.75 -19.65
C LEU A 556 -8.79 13.88 -20.25
N PHE A 557 -7.80 13.49 -21.05
CA PHE A 557 -7.00 14.42 -21.78
C PHE A 557 -7.87 15.20 -22.78
N GLY A 558 -8.83 14.50 -23.38
CA GLY A 558 -9.87 15.17 -24.18
C GLY A 558 -10.53 16.40 -23.54
N HIS A 559 -10.67 16.39 -22.23
CA HIS A 559 -11.53 17.35 -21.54
C HIS A 559 -10.91 17.80 -20.26
N LEU A 560 -9.69 18.30 -20.36
CA LEU A 560 -9.00 18.91 -19.23
C LEU A 560 -9.75 20.08 -18.64
N ASN A 561 -9.56 20.30 -17.34
CA ASN A 561 -10.15 21.41 -16.63
C ASN A 561 -9.29 21.75 -15.43
N PRO A 562 -8.17 22.41 -15.67
CA PRO A 562 -7.24 22.77 -14.61
C PRO A 562 -7.76 23.83 -13.60
N VAL A 563 -7.27 23.77 -12.37
CA VAL A 563 -7.80 24.60 -11.28
C VAL A 563 -6.66 25.14 -10.40
N PRO A 564 -6.74 26.42 -9.99
CA PRO A 564 -5.76 27.06 -9.08
C PRO A 564 -5.32 26.16 -7.95
N GLY A 565 -4.11 26.37 -7.46
CA GLY A 565 -3.64 25.61 -6.33
C GLY A 565 -3.96 26.30 -5.04
N TRP A 566 -3.66 25.62 -3.96
CA TRP A 566 -4.00 26.12 -2.67
C TRP A 566 -3.00 25.58 -1.77
N ARG A 567 -2.48 26.44 -0.89
CA ARG A 567 -1.77 26.08 0.34
C ARG A 567 -2.65 26.37 1.55
N LEU A 568 -3.20 25.35 2.17
CA LEU A 568 -4.14 25.53 3.30
C LEU A 568 -3.55 25.06 4.62
N TRP A 569 -2.35 25.51 4.91
CA TRP A 569 -1.66 25.11 6.11
C TRP A 569 -0.58 26.12 6.37
N ASP B 3 9.76 -39.79 -0.48
CA ASP B 3 9.73 -38.81 0.65
C ASP B 3 9.84 -37.35 0.14
N GLU B 4 11.04 -36.91 -0.20
CA GLU B 4 11.18 -35.63 -0.86
C GLU B 4 10.57 -35.60 -2.27
N HIS B 5 10.60 -36.73 -3.00
CA HIS B 5 9.97 -36.80 -4.33
C HIS B 5 8.48 -37.08 -4.19
N LYS B 6 8.05 -37.47 -2.98
CA LYS B 6 6.62 -37.61 -2.68
C LYS B 6 6.01 -36.29 -2.26
N ALA B 7 6.54 -35.72 -1.16
CA ALA B 7 6.06 -34.46 -0.58
C ALA B 7 5.67 -33.48 -1.67
N HIS B 8 6.57 -33.32 -2.66
CA HIS B 8 6.33 -32.47 -3.81
C HIS B 8 5.03 -32.81 -4.49
N LYS B 9 4.80 -34.10 -4.75
CA LYS B 9 3.58 -34.50 -5.45
C LYS B 9 2.37 -34.07 -4.63
N ALA B 10 2.36 -34.43 -3.33
CA ALA B 10 1.21 -34.09 -2.42
C ALA B 10 0.99 -32.57 -2.20
N ILE B 11 2.10 -31.84 -2.03
CA ILE B 11 2.05 -30.40 -1.96
C ILE B 11 1.36 -29.90 -3.24
N LEU B 12 2.03 -30.07 -4.39
CA LEU B 12 1.44 -29.67 -5.65
C LEU B 12 0.03 -30.20 -5.95
N ALA B 13 -0.28 -31.39 -5.46
CA ALA B 13 -1.63 -31.92 -5.60
C ALA B 13 -2.70 -31.12 -4.85
N TYR B 14 -2.41 -30.73 -3.62
CA TYR B 14 -3.34 -29.92 -2.84
C TYR B 14 -3.24 -28.42 -3.18
N GLU B 15 -2.03 -27.96 -3.50
CA GLU B 15 -1.86 -26.61 -3.98
C GLU B 15 -2.91 -26.35 -5.07
N LYS B 16 -3.10 -27.35 -5.95
CA LYS B 16 -3.97 -27.22 -7.10
C LYS B 16 -5.45 -27.16 -6.72
N GLY B 17 -5.80 -27.86 -5.64
CA GLY B 17 -7.14 -27.79 -5.07
C GLY B 17 -7.39 -26.36 -4.65
N TRP B 18 -6.71 -25.96 -3.58
CA TRP B 18 -6.68 -24.57 -3.14
C TRP B 18 -6.66 -23.46 -4.20
N LEU B 19 -5.80 -23.56 -5.20
CA LEU B 19 -5.78 -22.56 -6.27
C LEU B 19 -7.14 -22.41 -6.95
N ALA B 20 -7.82 -23.52 -7.17
CA ALA B 20 -9.13 -23.46 -7.81
C ALA B 20 -10.32 -23.16 -6.85
N PHE B 21 -10.24 -23.60 -5.62
CA PHE B 21 -11.19 -23.18 -4.58
C PHE B 21 -11.18 -21.66 -4.42
N SER B 22 -9.98 -21.08 -4.44
CA SER B 22 -9.82 -19.65 -4.27
C SER B 22 -10.30 -18.88 -5.50
N LEU B 23 -9.97 -19.40 -6.67
CA LEU B 23 -10.60 -18.90 -7.87
C LEU B 23 -12.12 -18.82 -7.64
N ALA B 24 -12.72 -19.96 -7.30
CA ALA B 24 -14.15 -20.01 -7.05
C ALA B 24 -14.65 -18.89 -6.14
N MET B 25 -14.10 -18.80 -4.93
CA MET B 25 -14.56 -17.82 -3.95
C MET B 25 -14.47 -16.40 -4.54
N LEU B 26 -13.31 -16.07 -5.10
CA LEU B 26 -13.16 -14.81 -5.82
C LEU B 26 -14.21 -14.53 -6.92
N PHE B 27 -14.78 -15.59 -7.51
CA PHE B 27 -15.76 -15.38 -8.56
C PHE B 27 -17.07 -15.12 -7.89
N VAL B 28 -17.41 -15.93 -6.89
CA VAL B 28 -18.66 -15.69 -6.18
C VAL B 28 -18.75 -14.22 -5.79
N PHE B 29 -17.70 -13.66 -5.16
CA PHE B 29 -17.63 -12.20 -4.94
C PHE B 29 -17.99 -11.38 -6.20
N ILE B 30 -17.38 -11.72 -7.33
CA ILE B 30 -17.62 -10.95 -8.54
C ILE B 30 -19.12 -10.95 -8.85
N ALA B 31 -19.75 -12.12 -8.74
CA ALA B 31 -21.22 -12.26 -8.85
C ALA B 31 -22.00 -11.49 -7.76
N LEU B 32 -21.53 -11.59 -6.52
CA LEU B 32 -22.10 -10.81 -5.41
C LEU B 32 -21.98 -9.29 -5.57
N ILE B 33 -20.91 -8.85 -6.22
CA ILE B 33 -20.64 -7.41 -6.44
C ILE B 33 -21.50 -6.95 -7.59
N ALA B 34 -21.54 -7.77 -8.66
CA ALA B 34 -22.42 -7.53 -9.80
C ALA B 34 -23.88 -7.42 -9.31
N TYR B 35 -24.30 -8.28 -8.38
CA TYR B 35 -25.66 -8.17 -7.84
C TYR B 35 -25.96 -6.77 -7.30
N THR B 36 -25.02 -6.21 -6.52
CA THR B 36 -25.23 -4.88 -5.90
C THR B 36 -25.37 -3.78 -6.96
N LEU B 37 -24.61 -3.94 -8.06
CA LEU B 37 -24.66 -3.00 -9.21
C LEU B 37 -26.03 -2.87 -9.84
N ALA B 38 -26.92 -3.81 -9.48
CA ALA B 38 -28.23 -3.95 -10.10
C ALA B 38 -29.39 -3.47 -9.19
N THR B 39 -29.11 -3.24 -7.91
CA THR B 39 -30.12 -2.80 -6.97
C THR B 39 -29.97 -1.32 -6.74
N HIS B 40 -30.83 -0.77 -5.90
CA HIS B 40 -30.78 0.65 -5.54
C HIS B 40 -29.56 1.07 -4.74
N THR B 41 -28.99 0.14 -3.98
CA THR B 41 -27.80 0.42 -3.17
C THR B 41 -26.65 1.01 -4.04
N ALA B 42 -26.79 0.84 -5.37
CA ALA B 42 -25.80 1.28 -6.32
C ALA B 42 -25.86 2.75 -6.77
N GLY B 43 -26.78 3.50 -6.16
CA GLY B 43 -27.04 4.87 -6.54
C GLY B 43 -25.88 5.70 -6.09
N VAL B 44 -25.19 5.19 -5.08
CA VAL B 44 -24.12 5.93 -4.44
C VAL B 44 -22.89 5.92 -5.30
N ILE B 45 -22.82 5.00 -6.26
CA ILE B 45 -21.70 5.02 -7.20
C ILE B 45 -21.80 6.32 -8.01
N PRO B 46 -20.70 7.08 -8.06
CA PRO B 46 -20.68 8.31 -8.83
C PRO B 46 -21.11 8.05 -10.25
N ALA B 47 -21.92 8.95 -10.78
CA ALA B 47 -22.14 9.04 -12.25
C ALA B 47 -20.79 9.31 -12.94
N GLY B 48 -20.45 8.46 -13.89
CA GLY B 48 -19.12 8.45 -14.44
C GLY B 48 -18.95 9.47 -15.53
N LYS B 49 -19.99 10.25 -15.77
CA LYS B 49 -19.94 11.26 -16.78
C LYS B 49 -19.10 12.48 -16.32
N LEU B 50 -18.36 13.06 -17.25
CA LEU B 50 -17.66 14.27 -16.92
C LEU B 50 -18.69 15.44 -16.95
N GLU B 51 -18.66 16.24 -15.88
CA GLU B 51 -19.52 17.43 -15.77
C GLU B 51 -18.71 18.55 -15.17
N ARG B 52 -18.07 19.35 -15.99
CA ARG B 52 -17.06 20.26 -15.50
C ARG B 52 -17.64 21.64 -15.16
N VAL B 53 -17.39 22.16 -13.97
CA VAL B 53 -17.78 23.55 -13.66
C VAL B 53 -16.54 24.40 -13.47
N ASP B 54 -16.72 25.69 -13.14
CA ASP B 54 -15.56 26.54 -12.75
C ASP B 54 -15.48 27.05 -11.29
N PRO B 55 -14.55 26.47 -10.53
CA PRO B 55 -14.42 26.70 -9.09
C PRO B 55 -14.32 28.15 -8.64
N THR B 56 -13.90 29.03 -9.53
CA THR B 56 -13.61 30.42 -9.18
C THR B 56 -14.87 31.25 -9.16
N THR B 57 -15.93 30.79 -9.84
CA THR B 57 -17.15 31.58 -9.98
C THR B 57 -18.38 30.87 -9.44
N VAL B 58 -18.19 29.62 -9.00
CA VAL B 58 -19.31 28.73 -8.66
C VAL B 58 -20.18 29.23 -7.50
N ARG B 59 -19.58 30.10 -6.67
CA ARG B 59 -20.26 30.81 -5.58
C ARG B 59 -20.89 32.15 -6.00
N GLN B 60 -20.83 32.44 -7.30
CA GLN B 60 -21.34 33.68 -7.86
C GLN B 60 -22.42 33.42 -8.88
N GLU B 61 -22.28 32.35 -9.65
CA GLU B 61 -23.30 32.02 -10.65
C GLU B 61 -23.56 30.54 -10.56
N GLY B 62 -24.66 30.10 -11.12
CA GLY B 62 -25.00 28.70 -11.07
C GLY B 62 -25.67 28.29 -9.77
N PRO B 63 -25.93 27.00 -9.64
CA PRO B 63 -26.82 26.49 -8.60
C PRO B 63 -26.13 26.34 -7.22
N TRP B 64 -24.87 26.71 -7.18
CA TRP B 64 -24.17 26.71 -5.95
C TRP B 64 -24.14 28.08 -5.32
N ALA B 65 -24.59 29.09 -6.06
CA ALA B 65 -24.47 30.45 -5.61
C ALA B 65 -25.51 30.97 -4.59
N ASP B 66 -26.57 30.20 -4.32
CA ASP B 66 -27.63 30.63 -3.38
C ASP B 66 -28.23 29.40 -2.65
N PRO B 67 -27.61 29.01 -1.53
CA PRO B 67 -27.82 27.70 -1.00
C PRO B 67 -29.27 27.50 -0.60
N ALA B 68 -29.93 28.56 -0.17
CA ALA B 68 -31.36 28.51 0.20
C ALA B 68 -32.23 27.95 -0.94
N GLN B 69 -31.65 27.81 -2.12
CA GLN B 69 -32.37 27.26 -3.27
C GLN B 69 -31.64 26.06 -3.88
N ALA B 70 -30.67 25.56 -3.13
CA ALA B 70 -29.90 24.42 -3.55
C ALA B 70 -30.74 23.12 -3.67
N VAL B 71 -31.96 23.13 -3.15
CA VAL B 71 -32.81 21.95 -3.19
C VAL B 71 -33.95 22.10 -4.23
N VAL B 72 -34.12 21.09 -5.05
CA VAL B 72 -35.00 21.20 -6.20
C VAL B 72 -35.69 19.88 -6.43
N GLN B 73 -36.99 19.95 -6.67
CA GLN B 73 -37.75 18.78 -7.05
C GLN B 73 -37.52 18.63 -8.52
N THR B 74 -36.88 17.55 -8.92
CA THR B 74 -36.62 17.32 -10.33
C THR B 74 -37.49 16.17 -10.75
N GLY B 75 -38.29 15.67 -9.81
CA GLY B 75 -39.13 14.49 -10.06
C GLY B 75 -40.43 14.42 -9.29
N PRO B 76 -41.26 13.43 -9.61
CA PRO B 76 -42.51 13.19 -8.85
C PRO B 76 -42.17 12.89 -7.40
N ASN B 77 -41.16 12.04 -7.19
CA ASN B 77 -40.66 11.71 -5.89
C ASN B 77 -39.14 11.87 -5.86
N GLN B 78 -38.62 12.93 -6.51
CA GLN B 78 -37.15 13.14 -6.64
C GLN B 78 -36.64 14.59 -6.42
N TYR B 79 -35.56 14.73 -5.64
CA TYR B 79 -34.96 16.04 -5.37
C TYR B 79 -33.48 16.03 -5.72
N THR B 80 -33.05 17.03 -6.52
CA THR B 80 -31.61 17.27 -6.76
C THR B 80 -31.17 18.31 -5.75
N VAL B 81 -30.01 18.07 -5.14
CA VAL B 81 -29.54 18.95 -4.09
C VAL B 81 -28.18 19.42 -4.49
N TYR B 82 -27.98 20.74 -4.48
CA TYR B 82 -26.70 21.32 -4.89
C TYR B 82 -25.72 21.56 -3.73
N VAL B 83 -24.74 20.70 -3.59
CA VAL B 83 -23.82 20.88 -2.50
C VAL B 83 -22.47 21.51 -2.85
N LEU B 84 -22.13 22.54 -2.09
CA LEU B 84 -20.80 23.13 -2.11
C LEU B 84 -20.03 22.68 -0.85
N ALA B 85 -18.87 22.07 -1.08
CA ALA B 85 -18.03 21.59 -0.02
C ALA B 85 -16.80 22.42 -0.23
N PHE B 86 -16.24 22.92 0.86
CA PHE B 86 -15.22 23.94 0.80
C PHE B 86 -14.60 24.03 2.13
N ALA B 87 -13.51 24.80 2.21
CA ALA B 87 -12.77 24.96 3.43
C ALA B 87 -13.30 26.08 4.30
N PHE B 88 -13.86 25.74 5.46
CA PHE B 88 -14.11 24.36 5.90
C PHE B 88 -15.59 24.18 6.37
N GLY B 89 -16.41 23.62 5.48
CA GLY B 89 -17.80 23.34 5.80
C GLY B 89 -18.53 23.00 4.55
N TYR B 90 -19.84 22.81 4.67
CA TYR B 90 -20.72 22.53 3.52
C TYR B 90 -21.86 23.55 3.47
N GLN B 91 -22.23 23.98 2.26
CA GLN B 91 -23.46 24.76 2.04
C GLN B 91 -24.33 23.95 1.11
N PRO B 92 -25.62 23.90 1.39
CA PRO B 92 -26.22 24.54 2.60
C PRO B 92 -25.95 23.81 3.92
N ASN B 93 -26.34 24.46 5.02
CA ASN B 93 -26.28 23.87 6.37
C ASN B 93 -27.48 24.29 7.21
N PRO B 94 -28.46 23.39 7.36
CA PRO B 94 -28.37 22.01 6.90
C PRO B 94 -28.93 21.77 5.48
N ILE B 95 -28.63 20.62 4.89
CA ILE B 95 -29.41 20.15 3.77
C ILE B 95 -30.75 19.54 4.33
N GLU B 96 -31.85 19.85 3.63
CA GLU B 96 -33.18 19.35 3.99
C GLU B 96 -33.78 18.59 2.83
N VAL B 97 -34.07 17.32 3.07
CA VAL B 97 -34.77 16.52 2.10
C VAL B 97 -35.86 15.77 2.87
N PRO B 98 -36.83 15.19 2.14
CA PRO B 98 -37.86 14.37 2.76
C PRO B 98 -37.40 12.95 2.67
N GLN B 99 -37.87 12.12 3.60
CA GLN B 99 -37.62 10.70 3.51
C GLN B 99 -38.46 10.08 2.42
N GLY B 100 -38.00 8.93 1.95
CA GLY B 100 -38.65 8.21 0.88
C GLY B 100 -38.39 8.83 -0.47
N ALA B 101 -37.94 10.08 -0.50
CA ALA B 101 -37.65 10.72 -1.79
C ALA B 101 -36.25 10.42 -2.28
N GLU B 102 -36.17 10.07 -3.55
CA GLU B 102 -34.86 9.86 -4.19
C GLU B 102 -34.07 11.16 -4.34
N ILE B 103 -32.89 11.18 -3.71
CA ILE B 103 -32.05 12.37 -3.65
C ILE B 103 -30.80 12.28 -4.54
N VAL B 104 -30.64 13.30 -5.39
CA VAL B 104 -29.56 13.31 -6.37
C VAL B 104 -28.61 14.40 -5.96
N PHE B 105 -27.58 14.00 -5.23
CA PHE B 105 -26.59 14.94 -4.71
C PHE B 105 -25.59 15.29 -5.80
N LYS B 106 -25.43 16.58 -6.07
CA LYS B 106 -24.48 17.02 -7.05
C LYS B 106 -23.56 17.97 -6.33
N ILE B 107 -22.41 17.43 -5.92
CA ILE B 107 -21.47 18.15 -5.08
C ILE B 107 -20.22 18.64 -5.83
N THR B 108 -19.70 19.81 -5.43
CA THR B 108 -18.38 20.29 -5.91
C THR B 108 -17.67 21.23 -4.95
N SER B 109 -16.40 21.52 -5.22
CA SER B 109 -15.59 22.40 -4.36
C SER B 109 -14.95 23.60 -5.07
N PRO B 110 -14.81 24.68 -4.36
CA PRO B 110 -14.18 25.92 -4.83
C PRO B 110 -12.72 26.05 -4.57
N ASP B 111 -12.14 25.06 -3.93
CA ASP B 111 -10.80 25.13 -3.44
C ASP B 111 -10.05 23.88 -3.73
N VAL B 112 -9.74 23.17 -2.67
CA VAL B 112 -9.18 21.83 -2.68
C VAL B 112 -10.21 20.72 -2.62
N ILE B 113 -9.78 19.47 -2.66
CA ILE B 113 -10.64 18.31 -2.73
C ILE B 113 -11.20 18.09 -1.32
N HIS B 114 -12.41 17.50 -1.26
CA HIS B 114 -13.03 17.16 0.02
C HIS B 114 -13.77 15.85 -0.04
N GLY B 115 -13.92 15.22 1.11
CA GLY B 115 -14.78 14.08 1.18
C GLY B 115 -16.21 14.54 1.36
N PHE B 116 -17.16 13.67 1.00
CA PHE B 116 -18.56 13.86 1.31
C PHE B 116 -19.10 12.53 1.85
N HIS B 117 -18.72 12.18 3.08
CA HIS B 117 -19.17 10.90 3.69
C HIS B 117 -20.36 11.08 4.65
N VAL B 118 -21.51 10.52 4.27
CA VAL B 118 -22.75 10.78 5.02
C VAL B 118 -22.90 9.72 6.09
N GLU B 119 -22.75 10.12 7.35
CA GLU B 119 -22.52 9.15 8.40
C GLU B 119 -23.73 8.32 8.66
N GLY B 120 -23.63 7.02 8.45
CA GLY B 120 -24.74 6.12 8.74
C GLY B 120 -25.30 5.52 7.46
N THR B 121 -24.58 5.77 6.36
CA THR B 121 -25.07 5.49 5.05
C THR B 121 -23.86 5.28 4.16
N ASN B 122 -24.15 4.84 2.94
CA ASN B 122 -23.15 4.53 1.92
C ASN B 122 -22.63 5.70 1.07
N ILE B 123 -23.13 6.90 1.30
CA ILE B 123 -22.66 8.03 0.53
C ILE B 123 -21.23 8.34 0.98
N ASN B 124 -20.26 8.03 0.13
CA ASN B 124 -18.88 8.30 0.45
C ASN B 124 -18.24 8.72 -0.84
N VAL B 125 -18.17 10.02 -1.09
CA VAL B 125 -17.65 10.50 -2.36
C VAL B 125 -16.60 11.61 -2.27
N GLU B 126 -15.64 11.55 -3.21
CA GLU B 126 -14.60 12.50 -3.27
C GLU B 126 -15.20 13.64 -4.00
N VAL B 127 -14.80 14.86 -3.63
CA VAL B 127 -15.29 16.07 -4.25
C VAL B 127 -14.08 16.85 -4.79
N LEU B 128 -13.93 16.88 -6.15
CA LEU B 128 -12.80 17.54 -6.80
C LEU B 128 -13.27 18.88 -7.30
N PRO B 129 -12.50 19.96 -7.05
CA PRO B 129 -12.83 21.30 -7.59
C PRO B 129 -12.85 21.27 -9.13
N GLY B 130 -13.90 21.79 -9.73
CA GLY B 130 -13.98 21.82 -11.18
C GLY B 130 -14.74 20.62 -11.75
N GLU B 131 -15.03 19.64 -10.88
CA GLU B 131 -15.93 18.57 -11.25
C GLU B 131 -17.15 18.53 -10.36
N VAL B 132 -18.23 17.95 -10.88
CA VAL B 132 -19.46 17.79 -10.13
C VAL B 132 -19.65 16.31 -10.00
N SER B 133 -19.88 15.89 -8.78
CA SER B 133 -20.02 14.51 -8.47
C SER B 133 -21.50 14.19 -8.22
N THR B 134 -22.04 13.26 -8.98
CA THR B 134 -23.45 12.96 -8.89
C THR B 134 -23.64 11.59 -8.21
N VAL B 135 -24.36 11.57 -7.10
CA VAL B 135 -24.68 10.32 -6.46
C VAL B 135 -26.13 10.40 -6.04
N ARG B 136 -26.71 9.26 -5.71
CA ARG B 136 -28.12 9.15 -5.56
C ARG B 136 -28.38 8.32 -4.38
N TYR B 137 -29.16 8.83 -3.44
CA TYR B 137 -29.58 8.02 -2.29
C TYR B 137 -31.07 8.24 -1.93
N THR B 138 -31.65 7.26 -1.24
CA THR B 138 -32.98 7.46 -0.61
C THR B 138 -32.93 7.20 0.86
N PHE B 139 -33.07 8.26 1.65
CA PHE B 139 -33.06 8.17 3.10
C PHE B 139 -34.30 7.44 3.56
N LYS B 140 -34.10 6.33 4.26
CA LYS B 140 -35.18 5.46 4.60
C LYS B 140 -35.61 5.71 6.05
N ARG B 141 -34.83 6.50 6.79
CA ARG B 141 -35.14 6.78 8.19
C ARG B 141 -34.97 8.29 8.35
N PRO B 142 -35.92 8.95 8.99
CA PRO B 142 -35.88 10.39 9.19
C PRO B 142 -34.87 10.78 10.26
N GLY B 143 -34.44 12.05 10.29
CA GLY B 143 -33.56 12.54 11.34
C GLY B 143 -32.35 13.25 10.85
N GLU B 144 -31.27 13.20 11.64
CA GLU B 144 -30.06 13.98 11.35
C GLU B 144 -28.81 13.19 11.05
N TYR B 145 -28.39 13.22 9.81
CA TYR B 145 -27.16 12.58 9.43
C TYR B 145 -26.11 13.66 9.40
N ARG B 146 -24.92 13.30 9.84
CA ARG B 146 -23.79 14.19 9.77
C ARG B 146 -22.93 13.81 8.61
N ILE B 147 -22.35 14.80 7.95
CA ILE B 147 -21.41 14.58 6.85
C ILE B 147 -19.99 14.87 7.35
N ILE B 148 -19.07 13.92 7.14
CA ILE B 148 -17.67 14.08 7.55
C ILE B 148 -16.82 14.33 6.30
N CYS B 149 -15.79 15.18 6.41
CA CYS B 149 -14.84 15.29 5.32
C CYS B 149 -13.80 14.22 5.59
N ASN B 150 -13.67 13.26 4.69
CA ASN B 150 -12.69 12.18 4.85
C ASN B 150 -11.47 12.25 3.84
N GLN B 151 -11.26 13.41 3.23
CA GLN B 151 -10.04 13.62 2.45
C GLN B 151 -9.29 14.84 2.98
N TYR B 152 -8.01 14.69 3.25
CA TYR B 152 -7.25 15.79 3.79
C TYR B 152 -7.42 17.10 2.95
N CYS B 153 -7.75 18.19 3.63
CA CYS B 153 -7.99 19.44 2.95
C CYS B 153 -7.15 20.56 3.53
N GLY B 154 -6.40 20.27 4.58
CA GLY B 154 -5.63 21.31 5.24
C GLY B 154 -5.92 21.37 6.71
N LEU B 155 -5.36 22.40 7.36
CA LEU B 155 -5.37 22.47 8.83
C LEU B 155 -6.73 22.28 9.57
N GLY B 156 -7.83 22.69 8.92
CA GLY B 156 -9.17 22.51 9.48
C GLY B 156 -9.89 21.25 9.02
N HIS B 157 -9.15 20.33 8.41
CA HIS B 157 -9.71 19.07 7.95
C HIS B 157 -10.59 18.42 8.98
N GLN B 158 -10.13 18.37 10.24
CA GLN B 158 -10.79 17.52 11.26
C GLN B 158 -12.03 18.08 11.91
N ASN B 159 -12.26 19.37 11.71
CA ASN B 159 -13.42 20.05 12.25
C ASN B 159 -14.32 20.54 11.15
N MET B 160 -14.24 19.89 9.98
CA MET B 160 -15.12 20.18 8.85
C MET B 160 -16.20 19.09 8.76
N PHE B 161 -17.40 19.51 9.14
CA PHE B 161 -18.54 18.67 9.10
C PHE B 161 -19.70 19.48 8.51
N GLY B 162 -20.55 18.81 7.72
CA GLY B 162 -21.89 19.31 7.41
C GLY B 162 -23.01 18.56 8.12
N THR B 163 -24.27 18.98 7.86
CA THR B 163 -25.46 18.29 8.38
C THR B 163 -26.59 18.09 7.41
N ILE B 164 -27.16 16.89 7.41
CA ILE B 164 -28.30 16.58 6.56
C ILE B 164 -29.50 16.36 7.48
N VAL B 165 -30.63 16.96 7.17
CA VAL B 165 -31.87 16.63 7.91
C VAL B 165 -32.94 15.98 7.03
N VAL B 166 -33.32 14.76 7.39
CA VAL B 166 -34.36 14.02 6.71
C VAL B 166 -35.70 14.17 7.46
N LYS B 167 -36.67 14.80 6.79
CA LYS B 167 -37.96 15.15 7.39
C LYS B 167 -38.88 13.95 7.30
N GLU B 168 -39.70 13.76 8.33
CA GLU B 168 -40.69 12.69 8.32
C GLU B 168 -41.70 13.01 7.23
N LYS C 4 -0.24 -35.91 2.76
CA LYS C 4 -0.90 -34.59 2.54
C LYS C 4 -0.41 -33.49 3.45
N PRO C 5 -0.33 -32.28 2.95
CA PRO C 5 0.24 -31.19 3.71
C PRO C 5 -0.83 -30.55 4.60
N LYS C 6 -1.20 -31.24 5.66
CA LYS C 6 -2.34 -30.86 6.47
C LYS C 6 -2.08 -29.56 7.26
N GLY C 7 -0.82 -29.28 7.58
CA GLY C 7 -0.45 -27.93 8.08
C GLY C 7 -0.72 -26.74 7.12
N ALA C 8 -0.12 -26.79 5.93
CA ALA C 8 -0.48 -25.87 4.87
C ALA C 8 -2.00 -25.74 4.83
N LEU C 9 -2.73 -26.84 4.77
CA LEU C 9 -4.18 -26.76 4.60
C LEU C 9 -4.82 -26.03 5.75
N ALA C 10 -4.34 -26.29 6.96
CA ALA C 10 -4.80 -25.52 8.13
C ALA C 10 -4.62 -24.02 7.90
N VAL C 11 -3.49 -23.64 7.34
CA VAL C 11 -3.19 -22.25 7.20
C VAL C 11 -4.22 -21.69 6.32
N ILE C 12 -4.37 -22.27 5.11
CA ILE C 12 -5.31 -21.74 4.10
C ILE C 12 -6.75 -21.81 4.63
N LEU C 13 -7.01 -22.74 5.53
CA LEU C 13 -8.30 -22.73 6.26
C LEU C 13 -8.51 -21.41 7.02
N VAL C 14 -7.58 -21.09 7.93
CA VAL C 14 -7.59 -19.80 8.63
C VAL C 14 -7.71 -18.65 7.64
N LEU C 15 -6.92 -18.73 6.56
CA LEU C 15 -6.96 -17.69 5.53
C LEU C 15 -8.38 -17.51 4.88
N THR C 16 -8.95 -18.62 4.40
CA THR C 16 -10.31 -18.64 3.91
C THR C 16 -11.29 -18.02 4.89
N LEU C 17 -11.36 -18.59 6.11
CA LEU C 17 -12.25 -18.06 7.15
C LEU C 17 -12.11 -16.57 7.33
N THR C 18 -10.87 -16.10 7.37
CA THR C 18 -10.61 -14.69 7.66
C THR C 18 -11.24 -13.81 6.52
N ILE C 19 -10.74 -13.97 5.28
CA ILE C 19 -11.38 -13.36 4.11
C ILE C 19 -12.91 -13.44 4.22
N LEU C 20 -13.42 -14.62 4.56
CA LEU C 20 -14.83 -14.88 4.48
C LEU C 20 -15.59 -14.10 5.52
N VAL C 21 -15.08 -14.03 6.74
CA VAL C 21 -15.71 -13.22 7.75
C VAL C 21 -15.63 -11.76 7.34
N PHE C 22 -14.48 -11.31 6.88
CA PHE C 22 -14.33 -9.90 6.43
C PHE C 22 -15.34 -9.55 5.36
N TRP C 23 -15.43 -10.37 4.33
CA TRP C 23 -16.16 -9.99 3.14
C TRP C 23 -17.64 -9.98 3.38
N LEU C 24 -18.15 -11.04 4.02
CA LEU C 24 -19.58 -11.08 4.40
C LEU C 24 -19.88 -10.01 5.41
N GLY C 25 -18.91 -9.71 6.26
CA GLY C 25 -19.12 -8.75 7.29
C GLY C 25 -19.49 -7.45 6.66
N VAL C 26 -18.58 -6.95 5.81
CA VAL C 26 -18.69 -5.61 5.21
C VAL C 26 -19.87 -5.51 4.23
N TYR C 27 -20.13 -6.62 3.53
CA TYR C 27 -21.29 -6.74 2.66
C TYR C 27 -22.58 -6.51 3.43
N ALA C 28 -22.65 -7.08 4.63
CA ALA C 28 -23.81 -6.94 5.47
C ALA C 28 -23.94 -5.49 5.69
N VAL C 29 -22.86 -4.91 6.20
CA VAL C 29 -22.83 -3.48 6.55
C VAL C 29 -23.23 -2.55 5.38
N PHE C 30 -22.70 -2.80 4.18
CA PHE C 30 -23.12 -2.11 2.99
C PHE C 30 -24.65 -2.05 2.88
N PHE C 31 -25.31 -3.20 3.15
CA PHE C 31 -26.75 -3.33 2.98
C PHE C 31 -27.55 -2.67 4.09
N ALA C 32 -27.01 -2.74 5.29
CA ALA C 32 -27.52 -1.96 6.38
C ALA C 32 -27.49 -0.45 6.12
N ARG C 33 -26.43 0.03 5.54
CA ARG C 33 -26.32 1.45 5.25
C ARG C 33 -26.93 1.80 3.92
N GLY C 34 -27.62 0.84 3.32
CA GLY C 34 -28.06 0.96 1.93
C GLY C 34 -29.26 1.82 1.65
CU CUB D . -4.07 -0.53 -4.69
CHA HEM E . -0.33 6.13 8.43
CHB HEM E . 0.71 4.44 12.92
CHC HEM E . 5.00 2.87 11.07
CHD HEM E . 3.42 4.14 6.66
C1A HEM E . -0.30 5.94 9.92
C2A HEM E . -1.44 6.29 10.79
C3A HEM E . -1.17 5.74 11.99
C4A HEM E . 0.16 5.06 11.91
CMA HEM E . -1.89 6.03 13.31
CAA HEM E . -2.76 6.82 10.28
CBA HEM E . -2.84 8.26 10.80
CGA HEM E . -4.00 9.04 10.17
O1A HEM E . -4.20 10.25 10.44
O2A HEM E . -4.83 8.38 9.35
C1B HEM E . 2.08 3.90 12.76
C2B HEM E . 2.80 3.62 13.82
C3B HEM E . 4.03 2.96 13.31
C4B HEM E . 4.05 3.30 11.88
CMB HEM E . 2.19 3.45 15.20
CAB HEM E . 4.98 2.32 13.98
CBB HEM E . 6.20 3.12 14.37
C1C HEM E . 4.80 2.79 9.61
C2C HEM E . 5.64 2.14 8.77
C3C HEM E . 5.00 2.33 7.45
C4C HEM E . 3.99 3.18 7.69
CMC HEM E . 6.90 1.32 9.13
CAC HEM E . 5.60 2.12 6.09
CBC HEM E . 6.61 1.33 5.82
C1D HEM E . 2.20 4.68 6.72
C2D HEM E . 1.59 5.52 5.65
C3D HEM E . 0.68 6.32 6.23
C4D HEM E . 0.65 5.84 7.63
CMD HEM E . 1.65 5.10 4.20
CAD HEM E . -0.50 6.95 5.52
CBD HEM E . -0.30 8.48 5.36
CGD HEM E . -1.41 9.23 4.60
O1D HEM E . -1.21 10.31 4.07
O2D HEM E . -2.62 8.73 4.44
NA HEM E . 0.69 5.28 10.71
NB HEM E . 2.84 3.83 11.66
NC HEM E . 3.66 3.14 8.99
ND HEM E . 1.45 4.80 7.82
FE HEM E . 2.20 4.42 9.67
FE HAS F . -3.85 -2.38 -0.62
CHA HAS F . -5.17 0.82 -0.33
CHB HAS F . -6.28 -3.41 -2.66
CHC HAS F . -2.44 -5.38 -1.24
CHD HAS F . -1.05 -1.02 0.70
NA HAS F . -3.31 -0.59 0.20
C1A HAS F . -4.05 0.55 0.30
C2A HAS F . -3.18 1.68 0.72
C3A HAS F . -1.94 1.30 0.63
C4A HAS F . -2.03 -0.17 0.35
CMA HAS F . -0.78 1.96 1.31
OMD HAS F . -9.01 -2.06 -4.03
CAA HAS F . -3.65 3.08 0.91
CBA HAS F . -3.29 4.00 -0.24
CGA HAS F . -3.64 5.38 0.21
O1A HAS F . -2.86 5.94 0.98
O2A HAS F . -4.79 5.93 -0.22
NB HAS F . -4.33 -4.07 -1.59
C1B HAS F . -5.54 -4.33 -2.10
C2B HAS F . -5.78 -5.79 -2.25
C3B HAS F . -4.60 -6.37 -1.99
C4B HAS F . -3.73 -5.26 -1.50
CMB HAS F . -6.94 -6.44 -2.99
NC HAS F . -1.97 -3.11 -0.51
C1C HAS F . -1.47 -4.28 -0.91
C2C HAS F . -0.21 -4.53 -0.52
C3C HAS F . 0.30 -3.31 0.17
C4C HAS F . -0.90 -2.44 0.17
CMC HAS F . 0.43 -5.92 -0.47
CAC HAS F . 1.43 -3.03 0.76
CBC HAS F . 2.81 -3.59 0.50
ND HAS F . -5.65 -1.62 -0.97
C1D HAS F . -6.52 -2.07 -2.05
C2D HAS F . -7.60 -1.05 -2.34
C3D HAS F . -7.33 0.04 -1.64
C4D HAS F . -6.04 -0.21 -0.94
CMD HAS F . -8.86 -1.29 -3.11
CAD HAS F . -8.04 1.37 -1.71
CBD HAS F . -9.32 1.46 -0.88
CGD HAS F . -9.46 2.83 -0.27
O1D HAS F . -10.65 3.44 -0.30
O2D HAS F . -8.47 3.32 0.26
C11 HAS F . -4.24 -7.80 -2.37
O11 HAS F . -2.94 -7.75 -2.89
C12 HAS F . -4.28 -8.82 -1.21
C13 HAS F . -3.65 -10.20 -1.47
C14 HAS F . -3.13 -10.97 -0.27
C15 HAS F . -3.74 -11.97 0.36
C16 HAS F . -3.20 -12.50 1.67
C17 HAS F . -2.72 -13.95 1.64
C18 HAS F . -1.86 -14.20 2.86
C19 HAS F . -0.57 -14.54 2.82
C20 HAS F . 0.10 -14.92 4.10
C21 HAS F . -0.09 -16.37 4.41
C22 HAS F . 0.58 -16.67 5.74
C23 HAS F . 1.37 -17.70 5.93
C24 HAS F . 1.94 -17.91 7.32
C25 HAS F . 1.72 -18.63 4.77
C26 HAS F . -4.99 -12.68 -0.10
C27 HAS F . 0.30 -14.56 1.55
C28 HAS F . 2.20 -19.35 7.81
C29 HAS F . 2.98 -19.30 9.10
C30 HAS F . 2.77 -20.07 10.17
C31 HAS F . 3.56 -19.96 11.43
C32 HAS F . 1.74 -21.14 10.20
O1 PER G . -2.86 -1.59 -2.47
O2 PER G . -2.11 -0.35 -2.30
C10 OLC H . 0.28 0.40 30.49
C9 OLC H . -0.83 0.47 31.22
C17 OLC H . 5.58 -2.27 25.60
C11 OLC H . 0.13 0.37 28.99
C8 OLC H . -0.72 0.51 32.73
C24 OLC H . -4.50 10.49 29.17
C16 OLC H . 4.52 -1.52 26.39
C12 OLC H . 0.58 -0.95 28.40
C7 OLC H . -1.99 1.14 33.30
C15 OLC H . 4.08 -2.35 27.58
C13 OLC H . 2.09 -1.09 28.45
C6 OLC H . -2.46 2.46 32.67
C14 OLC H . 2.57 -2.31 27.66
C5 OLC H . -3.18 3.27 33.74
C4 OLC H . -2.83 4.76 33.78
C3 OLC H . -3.19 5.46 32.45
C2 OLC H . -4.66 5.82 32.19
C21 OLC H . -4.91 8.62 30.77
C1 OLC H . -4.92 7.17 32.82
C22 OLC H . -5.01 10.13 30.59
O19 OLC H . -4.65 7.32 33.99
O25 OLC H . -3.71 11.70 29.11
O23 OLC H . -6.38 10.54 30.77
O20 OLC H . -5.47 8.17 32.02
C10 OLC I . 1.74 -6.31 24.95
C9 OLC I . 2.91 -6.97 25.00
C11 OLC I . 0.67 -6.43 26.02
C8 OLC I . 3.37 -7.93 26.10
C24 OLC I . 9.50 -17.18 20.20
C12 OLC I . -0.67 -6.80 25.38
C7 OLC I . 4.84 -8.40 25.89
C15 OLC I . -3.49 -8.86 27.09
C13 OLC I . -1.76 -7.14 26.40
C6 OLC I . 4.98 -9.54 24.88
C14 OLC I . -2.40 -8.50 26.09
C5 OLC I . 6.44 -9.79 24.40
C4 OLC I . 6.49 -10.92 23.37
C3 OLC I . 7.91 -11.39 23.09
C2 OLC I . 7.98 -12.87 22.65
C21 OLC I . 10.62 -15.36 21.69
C1 OLC I . 9.37 -13.26 22.20
C22 OLC I . 10.02 -16.78 21.59
O19 OLC I . 10.33 -12.52 22.26
O25 OLC I . 9.66 -16.28 19.09
O23 OLC I . 10.91 -17.79 22.14
O20 OLC I . 9.46 -14.53 21.69
C18 OLC J . -11.50 -10.11 -16.64
C10 OLC J . -18.79 -5.40 -17.32
C9 OLC J . -19.71 -4.45 -17.08
C17 OLC J . -12.04 -8.72 -16.95
C11 OLC J . -18.03 -6.13 -16.23
C8 OLC J . -20.15 -3.99 -15.71
C16 OLC J . -13.55 -8.72 -17.25
C12 OLC J . -17.89 -7.63 -16.56
C7 OLC J . -21.44 -3.14 -15.71
C15 OLC J . -14.10 -7.29 -17.28
C13 OLC J . -16.42 -8.04 -16.51
C6 OLC J . -21.34 -2.00 -14.67
C14 OLC J . -15.62 -7.17 -17.49
C5 OLC J . -22.61 -1.15 -14.56
C4 OLC J . -22.62 -0.32 -13.28
C3 OLC J . -23.34 1.01 -13.45
C2 OLC J . -24.22 1.41 -12.27
C21 OLC J . -25.63 4.53 -10.95
C1 OLC J . -24.87 2.75 -12.51
O19 OLC J . -25.56 2.94 -13.49
O20 OLC J . -24.60 3.70 -11.54
C10 OLC K . 18.19 22.93 -9.27
C9 OLC K . 17.30 23.91 -9.27
C11 OLC K . 18.36 22.01 -10.46
C8 OLC K . 16.40 24.15 -10.46
C24 OLC K . 5.48 28.57 -8.43
C7 OLC K . 15.83 25.56 -10.33
C6 OLC K . 14.33 25.50 -10.01
C5 OLC K . 13.78 26.82 -9.49
C4 OLC K . 12.44 27.09 -10.17
C3 OLC K . 11.77 28.38 -9.70
C2 OLC K . 10.26 28.25 -9.54
C21 OLC K . 7.57 29.61 -7.62
C1 OLC K . 9.73 29.28 -8.57
C22 OLC K . 6.15 29.89 -8.05
O19 OLC K . 10.40 29.83 -7.71
O25 OLC K . 4.08 28.72 -8.71
O23 OLC K . 5.48 30.51 -6.95
O20 OLC K . 8.40 29.52 -8.78
C9 OLC L . 26.88 16.69 -6.12
C8 OLC L . 28.17 15.88 -6.14
C24 OLC L . 35.61 8.29 -6.33
C7 OLC L . 28.02 14.38 -5.86
C6 OLC L . 29.40 13.94 -5.37
C5 OLC L . 29.53 12.43 -5.18
C4 OLC L . 30.95 11.88 -5.12
C3 OLC L . 30.99 10.52 -5.83
C2 OLC L . 31.84 9.49 -5.07
C21 OLC L . 33.49 6.90 -6.24
C1 OLC L . 31.46 8.04 -5.34
C22 OLC L . 34.47 7.65 -7.14
O19 OLC L . 30.63 7.43 -4.67
O25 OLC L . 36.57 7.28 -6.00
O23 OLC L . 34.97 6.77 -8.17
O20 OLC L . 32.18 7.48 -6.39
C24 OLC M . 21.54 -3.02 -22.35
C21 OLC M . 19.58 -2.60 -20.83
C1 OLC M . 17.43 -1.69 -21.23
C22 OLC M . 20.36 -3.65 -21.61
O19 OLC M . 17.00 -1.21 -22.27
O25 OLC M . 22.02 -3.98 -23.31
O23 OLC M . 20.83 -4.59 -20.66
O20 OLC M . 18.20 -2.80 -21.09
C24 OLC N . 17.59 -12.10 -24.48
C6 OLC N . 14.10 -4.51 -21.87
C5 OLC N . 12.63 -4.88 -21.89
C4 OLC N . 12.35 -6.32 -22.33
C3 OLC N . 13.41 -7.32 -21.88
C2 OLC N . 13.18 -8.66 -22.57
C21 OLC N . 15.77 -10.33 -24.76
C1 OLC N . 13.95 -8.85 -23.86
C22 OLC N . 17.12 -10.69 -24.12
O19 OLC N . 13.83 -8.12 -24.83
O25 OLC N . 18.13 -12.72 -23.30
O23 OLC N . 18.10 -9.73 -24.55
O20 OLC N . 14.80 -9.94 -23.75
C10 OLC O . -6.56 -4.44 25.27
C9 OLC O . -7.54 -3.66 25.73
C11 OLC O . -6.36 -5.91 25.59
C8 OLC O . -8.67 -4.09 26.67
C24 OLC O . -17.71 3.01 28.39
C12 OLC O . -5.22 -6.56 24.77
C7 OLC O . -10.00 -3.58 26.13
C13 OLC O . -5.54 -6.96 23.32
C6 OLC O . -10.75 -2.73 27.15
C5 OLC O . -12.07 -2.24 26.54
C4 OLC O . -12.99 -1.66 27.62
C3 OLC O . -13.65 -0.33 27.27
C2 OLC O . -12.71 0.84 27.60
C21 OLC O . -15.78 2.54 26.77
C1 OLC O . -13.46 2.16 27.51
C22 OLC O . -16.71 3.60 27.37
O19 OLC O . -12.90 3.23 27.32
O25 OLC O . -18.38 4.06 29.12
O23 OLC O . -15.90 4.64 27.95
O20 OLC O . -14.81 2.02 27.70
C10 OLC P . -4.95 -3.07 28.44
C9 OLC P . -4.91 -1.75 28.64
C17 OLC P . 2.62 -5.52 30.36
C11 OLC P . -3.89 -3.81 27.66
C8 OLC P . -3.80 -0.82 28.16
C24 OLC P . -11.83 7.73 27.98
C16 OLC P . 1.37 -5.52 29.48
C12 OLC P . -3.03 -4.62 28.60
C7 OLC P . -4.23 0.62 28.49
C15 OLC P . 0.49 -4.30 29.75
C13 OLC P . -1.92 -3.77 29.22
C6 OLC P . -3.54 1.62 27.57
C14 OLC P . -0.56 -4.19 28.65
C5 OLC P . -4.28 2.95 27.58
C4 OLC P . -4.60 3.39 29.00
C3 OLC P . -5.45 4.66 28.98
C2 OLC P . -6.77 4.42 28.23
C21 OLC P . -9.77 6.37 27.41
C1 OLC P . -7.37 5.69 27.73
C22 OLC P . -11.05 6.44 28.27
O19 OLC P . -6.74 6.47 27.04
O25 OLC P . -12.05 8.48 29.20
O23 OLC P . -11.88 5.33 27.97
O20 OLC P . -8.68 5.80 28.18
C10 OLC Q . 9.27 21.94 -17.26
C9 OLC Q . 9.14 22.19 -18.57
C11 OLC Q . 8.95 20.61 -16.59
C8 OLC Q . 8.67 21.21 -19.64
C24 OLC Q . -1.41 28.36 -21.59
C12 OLC Q . 10.15 20.01 -15.85
C7 OLC Q . 7.97 21.95 -20.78
C13 OLC Q . 10.50 18.62 -16.43
C6 OLC Q . 7.08 23.11 -20.30
C5 OLC Q . 6.51 23.89 -21.48
C4 OLC Q . 5.63 25.04 -21.03
C3 OLC Q . 4.18 24.59 -21.13
C2 OLC Q . 3.23 25.66 -20.63
C21 OLC Q . 0.32 26.76 -20.67
C1 OLC Q . 2.52 26.27 -21.82
C22 OLC Q . -0.52 28.00 -20.38
O19 OLC Q . 2.89 26.01 -22.95
O25 OLC Q . -1.43 29.79 -21.78
O23 OLC Q . -1.34 27.85 -19.20
O20 OLC Q . 1.49 27.14 -21.44
C10 OLC R . 0.42 -13.95 17.60
C9 OLC R . 1.37 -14.84 17.37
C17 OLC R . -4.26 -9.06 19.12
C11 OLC R . -0.98 -13.99 16.97
C8 OLC R . 1.07 -16.00 16.44
C24 OLC R . 9.72 -23.37 20.93
C16 OLC R . -3.21 -9.14 20.22
C12 OLC R . -1.78 -12.76 17.41
C7 OLC R . 2.23 -16.99 16.42
C15 OLC R . -2.61 -10.54 20.28
C13 OLC R . -1.52 -12.37 18.87
C6 OLC R . 1.79 -18.43 16.67
C14 OLC R . -1.70 -10.87 19.08
C5 OLC R . 3.01 -19.34 16.79
C4 OLC R . 4.02 -18.87 17.83
C3 OLC R . 5.18 -19.84 17.74
C2 OLC R . 6.15 -19.77 18.89
C21 OLC R . 7.47 -22.22 21.21
C1 OLC R . 6.46 -21.22 19.12
C22 OLC R . 8.85 -22.51 21.84
O19 OLC R . 5.78 -22.06 18.55
O25 OLC R . 9.65 -22.80 19.62
O23 OLC R . 9.62 -21.33 22.15
O20 OLC R . 7.53 -21.45 19.99
CU1 CUA S . -10.96 17.27 4.84
CU2 CUA S . -12.55 19.11 3.75
C18 OLC T . -21.54 -26.28 -7.21
C10 OLC T . -23.20 -18.18 -3.54
C9 OLC T . -23.81 -17.02 -3.87
C17 OLC T . -22.25 -25.30 -6.29
C11 OLC T . -23.82 -19.45 -2.95
C8 OLC T . -25.27 -16.67 -3.70
C24 OLC T . -31.76 -7.26 -1.27
C16 OLC T . -22.52 -23.99 -7.06
C12 OLC T . -23.17 -20.71 -3.59
C7 OLC T . -25.58 -15.32 -4.32
C15 OLC T . -23.22 -22.91 -6.23
C13 OLC T . -22.96 -20.64 -5.12
C6 OLC T . -27.02 -14.89 -4.02
C14 OLC T . -22.24 -21.86 -5.70
C5 OLC T . -27.35 -13.60 -4.74
C4 OLC T . -28.55 -12.91 -4.13
C3 OLC T . -28.12 -11.75 -3.23
C2 OLC T . -29.27 -11.33 -2.31
C21 OLC T . -30.56 -9.17 -0.16
C1 OLC T . -28.78 -10.55 -1.12
C22 OLC T . -30.87 -7.68 -0.09
O19 OLC T . -27.88 -10.94 -0.38
O25 OLC T . -31.81 -5.82 -1.42
O23 OLC T . -31.60 -7.42 1.10
O20 OLC T . -29.42 -9.34 -0.99
C18 OLC U . -12.38 -6.99 16.06
C10 OLC U . -20.57 -1.33 13.80
C9 OLC U . -21.41 -0.72 12.93
C17 OLC U . -13.22 -5.95 15.29
C11 OLC U . -19.41 -2.23 13.45
C8 OLC U . -21.34 -0.82 11.42
C24 OLC U . -30.60 7.73 12.33
C16 OLC U . -14.68 -5.70 15.75
C12 OLC U . -18.85 -2.86 14.72
C7 OLC U . -22.55 -0.21 10.68
C15 OLC U . -15.39 -4.61 14.95
C13 OLC U . -17.34 -3.10 14.58
C6 OLC U . -23.40 0.81 11.42
C14 OLC U . -16.80 -4.28 15.41
C5 OLC U . -24.13 1.78 10.47
C4 OLC U . -24.24 3.19 11.07
C3 OLC U . -25.57 3.41 11.84
C2 OLC U . -25.89 4.89 12.17
C21 OLC U . -28.31 7.13 11.25
C1 OLC U . -27.38 5.10 12.44
C22 OLC U . -29.50 8.13 11.37
O19 OLC U . -28.11 4.14 12.68
O25 OLC U . -31.45 8.88 12.49
O23 OLC U . -29.12 9.47 11.71
O20 OLC U . -27.79 6.43 12.42
C18 OLC V . -18.64 -20.96 1.72
C10 OLC V . -10.96 -24.59 2.34
C9 OLC V . -9.95 -25.02 1.57
C17 OLC V . -18.31 -22.35 2.22
C11 OLC V . -12.30 -25.28 2.54
C8 OLC V . -9.88 -26.26 0.70
C24 OLC V . -5.64 -36.50 -3.66
C16 OLC V . -17.50 -22.39 3.52
C12 OLC V . -13.39 -24.21 2.79
C7 OLC V . -8.93 -25.97 -0.46
C15 OLC V . -16.18 -23.18 3.28
C13 OLC V . -14.02 -24.19 4.21
C6 OLC V . -8.12 -27.18 -0.87
C14 OLC V . -15.16 -23.18 4.43
C5 OLC V . -8.98 -28.29 -1.47
C4 OLC V . -8.20 -29.57 -1.68
C3 OLC V . -9.13 -30.60 -2.31
C2 OLC V . -8.50 -31.97 -2.58
C21 OLC V . -6.76 -34.29 -3.78
C1 OLC V . -7.43 -31.95 -3.67
C22 OLC V . -5.43 -35.01 -3.94
O19 OLC V . -7.37 -31.17 -4.61
O25 OLC V . -4.47 -37.24 -4.04
O23 OLC V . -4.99 -34.81 -5.28
O20 OLC V . -6.50 -32.94 -3.40
C10 OLC W . -12.80 -7.76 11.25
C9 OLC W . -13.82 -8.00 10.43
C11 OLC W . -12.64 -6.41 11.92
C8 OLC W . -14.89 -6.97 10.13
C24 OLC W . -24.53 -3.36 10.52
C12 OLC W . -11.36 -6.35 12.75
C7 OLC W . -16.17 -7.70 9.74
C15 OLC W . -7.70 -6.91 12.10
C13 OLC W . -10.15 -7.02 12.09
C6 OLC W . -17.40 -6.82 9.93
C14 OLC W . -8.93 -6.82 12.97
C5 OLC W . -18.10 -7.10 11.26
C4 OLC W . -19.36 -6.23 11.45
C3 OLC W . -20.60 -6.90 10.84
C2 OLC W . -21.87 -6.11 11.17
C21 OLC W . -25.24 -5.78 10.08
C1 OLC W . -23.11 -6.89 10.72
C22 OLC W . -25.31 -4.58 11.03
O19 OLC W . -23.36 -8.04 11.11
O25 OLC W . -24.88 -2.14 11.21
O23 OLC W . -26.70 -4.26 11.12
O20 OLC W . -23.90 -6.17 9.82
C10 OLC X . -11.52 -12.32 11.77
C9 OLC X . -12.62 -11.65 12.13
C11 OLC X . -10.26 -12.23 12.58
C8 OLC X . -12.68 -10.81 13.38
C24 OLC X . -22.72 -4.00 16.51
C16 OLC X . -4.46 -13.94 11.69
C12 OLC X . -9.11 -12.09 11.62
C7 OLC X . -14.13 -10.40 13.61
C15 OLC X . -5.72 -13.83 12.56
C13 OLC X . -7.78 -12.40 12.33
C6 OLC X . -14.32 -9.71 14.96
C14 OLC X . -7.00 -13.59 11.75
C5 OLC X . -15.79 -9.57 15.33
C4 OLC X . -16.68 -9.13 14.16
C3 OLC X . -17.74 -8.12 14.62
C2 OLC X . -19.19 -8.59 14.47
C21 OLC X . -21.11 -5.71 15.66
C1 OLC X . -20.03 -7.91 15.54
C22 OLC X . -22.59 -5.36 15.84
O19 OLC X . -19.88 -8.15 16.72
O25 OLC X . -23.35 -3.08 15.59
O23 OLC X . -23.26 -5.37 14.57
O20 OLC X . -20.94 -6.99 15.02
#